data_7PNL
# 
_entry.id   7PNL 
# 
_audit_conform.dict_name       mmcif_pdbx.dic 
_audit_conform.dict_version    5.395 
_audit_conform.dict_location   http://mmcif.pdb.org/dictionaries/ascii/mmcif_pdbx.dic 
# 
loop_
_database_2.database_id 
_database_2.database_code 
_database_2.pdbx_database_accession 
_database_2.pdbx_DOI 
PDB   7PNL         pdb_00007pnl 10.2210/pdb7pnl/pdb 
WWPDB D_1292117985 ?            ?                   
# 
loop_
_pdbx_audit_revision_history.ordinal 
_pdbx_audit_revision_history.data_content_type 
_pdbx_audit_revision_history.major_revision 
_pdbx_audit_revision_history.minor_revision 
_pdbx_audit_revision_history.revision_date 
1 'Structure model' 1 0 2022-09-21 
2 'Structure model' 1 1 2024-01-31 
3 'Structure model' 1 2 2024-07-24 
# 
_pdbx_audit_revision_details.ordinal             1 
_pdbx_audit_revision_details.revision_ordinal    1 
_pdbx_audit_revision_details.data_content_type   'Structure model' 
_pdbx_audit_revision_details.provider            repository 
_pdbx_audit_revision_details.type                'Initial release' 
_pdbx_audit_revision_details.description         ? 
_pdbx_audit_revision_details.details             ? 
# 
loop_
_pdbx_audit_revision_group.ordinal 
_pdbx_audit_revision_group.revision_ordinal 
_pdbx_audit_revision_group.data_content_type 
_pdbx_audit_revision_group.group 
1 2 'Structure model' 'Data collection'        
2 2 'Structure model' 'Refinement description' 
3 3 'Structure model' 'Database references'    
# 
loop_
_pdbx_audit_revision_category.ordinal 
_pdbx_audit_revision_category.revision_ordinal 
_pdbx_audit_revision_category.data_content_type 
_pdbx_audit_revision_category.category 
1 2 'Structure model' chem_comp_atom                
2 2 'Structure model' chem_comp_bond                
3 2 'Structure model' pdbx_initial_refinement_model 
4 3 'Structure model' citation                      
5 3 'Structure model' citation_author               
# 
loop_
_pdbx_audit_revision_item.ordinal 
_pdbx_audit_revision_item.revision_ordinal 
_pdbx_audit_revision_item.data_content_type 
_pdbx_audit_revision_item.item 
1  3 'Structure model' '_citation.country'                 
2  3 'Structure model' '_citation.journal_abbrev'          
3  3 'Structure model' '_citation.journal_id_CSD'          
4  3 'Structure model' '_citation.journal_id_ISSN'         
5  3 'Structure model' '_citation.journal_volume'          
6  3 'Structure model' '_citation.page_first'              
7  3 'Structure model' '_citation.page_last'               
8  3 'Structure model' '_citation.pdbx_database_id_DOI'    
9  3 'Structure model' '_citation.pdbx_database_id_PubMed' 
10 3 'Structure model' '_citation.title'                   
11 3 'Structure model' '_citation.year'                    
# 
_pdbx_database_status.status_code                     REL 
_pdbx_database_status.status_code_sf                  REL 
_pdbx_database_status.status_code_mr                  ? 
_pdbx_database_status.entry_id                        7PNL 
_pdbx_database_status.recvd_initial_deposition_date   2021-09-07 
_pdbx_database_status.SG_entry                        N 
_pdbx_database_status.deposit_site                    PDBE 
_pdbx_database_status.process_site                    PDBE 
_pdbx_database_status.status_code_cs                  ? 
_pdbx_database_status.status_code_nmr_data            ? 
_pdbx_database_status.methods_development_category    ? 
_pdbx_database_status.pdb_format_compatible           Y 
# 
_pdbx_contact_author.id                 2 
_pdbx_contact_author.email              carla.bazzicalupi@unifi.it 
_pdbx_contact_author.name_first         Carla 
_pdbx_contact_author.name_last          Bazzicalupi 
_pdbx_contact_author.name_mi            ? 
_pdbx_contact_author.role               'principal investigator/group leader' 
_pdbx_contact_author.identifier_ORCID   0000-0003-4602-0405 
# 
loop_
_audit_author.name 
_audit_author.pdbx_ordinal 
_audit_author.identifier_ORCID 
'Bazzicalupi, C.' 1 0000-0003-4602-0405 
'Gratteri, P.'    2 0000-0002-9137-2509 
'Petreni, A.'     3 ?                   
'Nocentini, A.'   4 0000-0003-3342-702X 
# 
_citation.abstract                  ? 
_citation.abstract_id_CAS           ? 
_citation.book_id_ISBN              ? 
_citation.book_publisher            ? 
_citation.book_publisher_city       ? 
_citation.book_title                ? 
_citation.coordinate_linkage        ? 
_citation.country                   UK 
_citation.database_id_Medline       ? 
_citation.details                   ? 
_citation.id                        primary 
_citation.journal_abbrev            'J Enzyme Inhib Med Chem' 
_citation.journal_id_ASTM           ? 
_citation.journal_id_CSD            ? 
_citation.journal_id_ISSN           1475-6374 
_citation.journal_full              ? 
_citation.journal_issue             ? 
_citation.journal_volume            39 
_citation.language                  ? 
_citation.page_first                2366236 
_citation.page_last                 2366236 
_citation.title                     
'Development of a multi-targeted chemotherapeutic approach based on G-quadruplex stabilisation and carbonic anhydrase inhibition.' 
_citation.year                      2024 
_citation.database_id_CSD           ? 
_citation.pdbx_database_id_DOI      10.1080/14756366.2024.2366236 
_citation.pdbx_database_id_PubMed   38905127 
_citation.pdbx_database_id_patent   ? 
_citation.unpublished_flag          ? 
# 
loop_
_citation_author.citation_id 
_citation_author.name 
_citation_author.ordinal 
_citation_author.identifier_ORCID 
primary 'Nocentini, A.'   1  ?                   
primary 'Di Porzio, A.'   2  ?                   
primary 'Bonardi, A.'     3  0000-0002-5520-740X 
primary 'Bazzicalupi, C.' 4  ?                   
primary 'Petreni, A.'     5  ?                   
primary 'Biver, T.'       6  ?                   
primary 'Bua, S.'         7  ?                   
primary 'Marzano, S.'     8  ?                   
primary 'Amato, J.'       9  ?                   
primary 'Pagano, B.'      10 0000-0002-7716-9010 
primary 'Iaccarino, N.'   11 0000-0001-7544-5512 
primary 'De Tito, S.'     12 ?                   
primary 'Amente, S.'      13 ?                   
primary 'Supuran, C.T.'   14 0000-0003-4262-0323 
primary 'Randazzo, A.'    15 ?                   
primary 'Gratteri, P.'    16 0000-0002-9137-2509 
# 
loop_
_entity.id 
_entity.type 
_entity.src_method 
_entity.pdbx_description 
_entity.formula_weight 
_entity.pdbx_number_of_molecules 
_entity.pdbx_ec 
_entity.pdbx_mutation 
_entity.pdbx_fragment 
_entity.details 
1 polymer     syn 'G-guadruplex DNA (23-mer)' 7287.690 1  ? ? ? ? 
2 non-polymer syn 'POTASSIUM ION' 39.098   3  ? ? ? ? 
3 non-polymer syn 
;4-[[1-[3-[(17-methoxy-5,7-dioxa-13-azoniapentacyclo[11.8.0.0^{2,10}.0^{4,8}.0^{15,20}]henicosa-1(21),2(10),3,8,13,15,17,19-octaen-16-yl)oxy]propyl]triazol-4-yl]methoxy]benzenesulfonamide
;
616.664  2  ? ? ? ? 
4 water       nat water 18.015   38 ? ? ? ? 
# 
_entity_poly.entity_id                      1 
_entity_poly.type                           polydeoxyribonucleotide 
_entity_poly.nstd_linkage                   no 
_entity_poly.nstd_monomer                   no 
_entity_poly.pdbx_seq_one_letter_code       
;(DA)(DG)(DG)(DG)(DT)(DT)(DA)(DG)(DG)(DG)(DT)(DT)(DA)(DG)(DG)(DG)(DT)(DT)(DA)(DG)
(DG)(DG)(DT)
;
_entity_poly.pdbx_seq_one_letter_code_can   AGGGTTAGGGTTAGGGTTAGGGT 
_entity_poly.pdbx_strand_id                 A 
_entity_poly.pdbx_target_identifier         ? 
# 
loop_
_pdbx_entity_nonpoly.entity_id 
_pdbx_entity_nonpoly.name 
_pdbx_entity_nonpoly.comp_id 
2 'POTASSIUM ION' K   
3 
;4-[[1-[3-[(17-methoxy-5,7-dioxa-13-azoniapentacyclo[11.8.0.0^{2,10}.0^{4,8}.0^{15,20}]henicosa-1(21),2(10),3,8,13,15,17,19-octaen-16-yl)oxy]propyl]triazol-4-yl]methoxy]benzenesulfonamide
;
7VE 
4 water HOH 
# 
loop_
_entity_poly_seq.entity_id 
_entity_poly_seq.num 
_entity_poly_seq.mon_id 
_entity_poly_seq.hetero 
1 1  DA n 
1 2  DG n 
1 3  DG n 
1 4  DG n 
1 5  DT n 
1 6  DT n 
1 7  DA n 
1 8  DG n 
1 9  DG n 
1 10 DG n 
1 11 DT n 
1 12 DT n 
1 13 DA n 
1 14 DG n 
1 15 DG n 
1 16 DG n 
1 17 DT n 
1 18 DT n 
1 19 DA n 
1 20 DG n 
1 21 DG n 
1 22 DG n 
1 23 DT n 
# 
_pdbx_entity_src_syn.entity_id              1 
_pdbx_entity_src_syn.pdbx_src_id            1 
_pdbx_entity_src_syn.pdbx_alt_source_flag   sample 
_pdbx_entity_src_syn.pdbx_beg_seq_num       1 
_pdbx_entity_src_syn.pdbx_end_seq_num       23 
_pdbx_entity_src_syn.organism_scientific    'Homo sapiens' 
_pdbx_entity_src_syn.organism_common_name   ? 
_pdbx_entity_src_syn.ncbi_taxonomy_id       9606 
_pdbx_entity_src_syn.details                ? 
# 
loop_
_chem_comp.id 
_chem_comp.type 
_chem_comp.mon_nstd_flag 
_chem_comp.name 
_chem_comp.pdbx_synonyms 
_chem_comp.formula 
_chem_comp.formula_weight 
7VE non-polymer   . 
;4-[[1-[3-[(17-methoxy-5,7-dioxa-13-azoniapentacyclo[11.8.0.0^{2,10}.0^{4,8}.0^{15,20}]henicosa-1(21),2(10),3,8,13,15,17,19-octaen-16-yl)oxy]propyl]triazol-4-yl]methoxy]benzenesulfonamide
;
? 'C31 H30 N5 O7 S 1' 616.664 
DA  'DNA linking' y "2'-DEOXYADENOSINE-5'-MONOPHOSPHATE" ? 'C10 H14 N5 O6 P'   331.222 
DG  'DNA linking' y "2'-DEOXYGUANOSINE-5'-MONOPHOSPHATE" ? 'C10 H14 N5 O7 P'   347.221 
DT  'DNA linking' y "THYMIDINE-5'-MONOPHOSPHATE" ? 'C10 H15 N2 O8 P'   322.208 
HOH non-polymer   . WATER ? 'H2 O'              18.015  
K   non-polymer   . 'POTASSIUM ION' ? 'K 1'               39.098  
# 
loop_
_pdbx_poly_seq_scheme.asym_id 
_pdbx_poly_seq_scheme.entity_id 
_pdbx_poly_seq_scheme.seq_id 
_pdbx_poly_seq_scheme.mon_id 
_pdbx_poly_seq_scheme.ndb_seq_num 
_pdbx_poly_seq_scheme.pdb_seq_num 
_pdbx_poly_seq_scheme.auth_seq_num 
_pdbx_poly_seq_scheme.pdb_mon_id 
_pdbx_poly_seq_scheme.auth_mon_id 
_pdbx_poly_seq_scheme.pdb_strand_id 
_pdbx_poly_seq_scheme.pdb_ins_code 
_pdbx_poly_seq_scheme.hetero 
A 1 1  DA 1  1  1  DA DA A . n 
A 1 2  DG 2  2  2  DG DG A . n 
A 1 3  DG 3  3  3  DG DG A . n 
A 1 4  DG 4  4  4  DG DG A . n 
A 1 5  DT 5  5  5  DT DT A . n 
A 1 6  DT 6  6  6  DT DT A . n 
A 1 7  DA 7  7  7  DA DA A . n 
A 1 8  DG 8  8  8  DG DG A . n 
A 1 9  DG 9  9  9  DG DG A . n 
A 1 10 DG 10 10 10 DG DG A . n 
A 1 11 DT 11 11 11 DT DT A . n 
A 1 12 DT 12 12 12 DT DT A . n 
A 1 13 DA 13 13 13 DA DA A . n 
A 1 14 DG 14 14 14 DG DG A . n 
A 1 15 DG 15 15 15 DG DG A . n 
A 1 16 DG 16 16 16 DG DG A . n 
A 1 17 DT 17 17 17 DT DT A . n 
A 1 18 DT 18 18 18 DT DT A . n 
A 1 19 DA 19 19 19 DA DA A . n 
A 1 20 DG 20 20 20 DG DG A . n 
A 1 21 DG 21 21 21 DG DG A . n 
A 1 22 DG 22 22 22 DG DG A . n 
A 1 23 DT 23 23 23 DT DT A . n 
# 
loop_
_pdbx_nonpoly_scheme.asym_id 
_pdbx_nonpoly_scheme.entity_id 
_pdbx_nonpoly_scheme.mon_id 
_pdbx_nonpoly_scheme.ndb_seq_num 
_pdbx_nonpoly_scheme.pdb_seq_num 
_pdbx_nonpoly_scheme.auth_seq_num 
_pdbx_nonpoly_scheme.pdb_mon_id 
_pdbx_nonpoly_scheme.auth_mon_id 
_pdbx_nonpoly_scheme.pdb_strand_id 
_pdbx_nonpoly_scheme.pdb_ins_code 
B 2 K   1  101 101 K   K   A . 
C 2 K   1  102 102 K   K   A . 
D 2 K   1  103 103 K   K   A . 
E 3 7VE 1  104 1   7VE CDI A . 
F 3 7VE 1  105 1   7VE CDI A . 
G 4 HOH 1  201 36  HOH HOH A . 
G 4 HOH 2  202 20  HOH HOH A . 
G 4 HOH 3  203 4   HOH HOH A . 
G 4 HOH 4  204 16  HOH HOH A . 
G 4 HOH 5  205 18  HOH HOH A . 
G 4 HOH 6  206 1   HOH HOH A . 
G 4 HOH 7  207 28  HOH HOH A . 
G 4 HOH 8  208 38  HOH HOH A . 
G 4 HOH 9  209 43  HOH HOH A . 
G 4 HOH 10 210 12  HOH HOH A . 
G 4 HOH 11 211 8   HOH HOH A . 
G 4 HOH 12 212 26  HOH HOH A . 
G 4 HOH 13 213 44  HOH HOH A . 
G 4 HOH 14 214 11  HOH HOH A . 
G 4 HOH 15 215 25  HOH HOH A . 
G 4 HOH 16 216 42  HOH HOH A . 
G 4 HOH 17 217 35  HOH HOH A . 
G 4 HOH 18 218 34  HOH HOH A . 
G 4 HOH 19 219 29  HOH HOH A . 
G 4 HOH 20 220 2   HOH HOH A . 
G 4 HOH 21 221 14  HOH HOH A . 
G 4 HOH 22 222 39  HOH HOH A . 
G 4 HOH 23 223 5   HOH HOH A . 
G 4 HOH 24 224 23  HOH HOH A . 
G 4 HOH 25 225 32  HOH HOH A . 
G 4 HOH 26 226 21  HOH HOH A . 
G 4 HOH 27 227 19  HOH HOH A . 
G 4 HOH 28 228 30  HOH HOH A . 
G 4 HOH 29 229 24  HOH HOH A . 
G 4 HOH 30 230 17  HOH HOH A . 
G 4 HOH 31 231 6   HOH HOH A . 
G 4 HOH 32 232 15  HOH HOH A . 
G 4 HOH 33 233 37  HOH HOH A . 
G 4 HOH 34 234 9   HOH HOH A . 
G 4 HOH 35 235 33  HOH HOH A . 
G 4 HOH 36 236 41  HOH HOH A . 
G 4 HOH 37 237 22  HOH HOH A . 
G 4 HOH 38 238 7   HOH HOH A . 
# 
loop_
_pdbx_unobs_or_zero_occ_atoms.id 
_pdbx_unobs_or_zero_occ_atoms.PDB_model_num 
_pdbx_unobs_or_zero_occ_atoms.polymer_flag 
_pdbx_unobs_or_zero_occ_atoms.occupancy_flag 
_pdbx_unobs_or_zero_occ_atoms.auth_asym_id 
_pdbx_unobs_or_zero_occ_atoms.auth_comp_id 
_pdbx_unobs_or_zero_occ_atoms.auth_seq_id 
_pdbx_unobs_or_zero_occ_atoms.PDB_ins_code 
_pdbx_unobs_or_zero_occ_atoms.auth_atom_id 
_pdbx_unobs_or_zero_occ_atoms.label_alt_id 
_pdbx_unobs_or_zero_occ_atoms.label_asym_id 
_pdbx_unobs_or_zero_occ_atoms.label_comp_id 
_pdbx_unobs_or_zero_occ_atoms.label_seq_id 
_pdbx_unobs_or_zero_occ_atoms.label_atom_id 
1  1 Y 0 A DT 11 ? N1    ? A DT 11 N1    
2  1 Y 0 A DT 11 ? C2    ? A DT 11 C2    
3  1 Y 0 A DT 11 ? O2    ? A DT 11 O2    
4  1 Y 0 A DT 11 ? N3    ? A DT 11 N3    
5  1 Y 0 A DT 11 ? C4    ? A DT 11 C4    
6  1 Y 0 A DT 11 ? O4    ? A DT 11 O4    
7  1 Y 0 A DT 11 ? C5    ? A DT 11 C5    
8  1 Y 0 A DT 11 ? C7    ? A DT 11 C7    
9  1 Y 0 A DT 11 ? C6    ? A DT 11 C6    
10 1 Y 0 A DT 12 ? N1    ? A DT 12 N1    
11 1 Y 0 A DT 12 ? C2    ? A DT 12 C2    
12 1 Y 0 A DT 12 ? O2    ? A DT 12 O2    
13 1 Y 0 A DT 12 ? N3    ? A DT 12 N3    
14 1 Y 0 A DT 12 ? C4    ? A DT 12 C4    
15 1 Y 0 A DT 12 ? O4    ? A DT 12 O4    
16 1 Y 0 A DT 12 ? C5    ? A DT 12 C5    
17 1 Y 0 A DT 12 ? C7    ? A DT 12 C7    
18 1 Y 0 A DT 12 ? C6    ? A DT 12 C6    
19 1 Y 1 A DT 23 ? "C5'" ? A DT 23 "C5'" 
20 1 Y 1 A DT 23 ? "C4'" ? A DT 23 "C4'" 
21 1 Y 1 A DT 23 ? "O4'" ? A DT 23 "O4'" 
22 1 Y 1 A DT 23 ? "C3'" ? A DT 23 "C3'" 
23 1 Y 1 A DT 23 ? "O3'" ? A DT 23 "O3'" 
24 1 Y 1 A DT 23 ? "C2'" ? A DT 23 "C2'" 
25 1 Y 1 A DT 23 ? "C1'" ? A DT 23 "C1'" 
26 1 Y 1 A DT 23 ? N1    ? A DT 23 N1    
27 1 Y 1 A DT 23 ? C2    ? A DT 23 C2    
28 1 Y 1 A DT 23 ? O2    ? A DT 23 O2    
29 1 Y 1 A DT 23 ? N3    ? A DT 23 N3    
30 1 Y 1 A DT 23 ? C4    ? A DT 23 C4    
31 1 Y 1 A DT 23 ? O4    ? A DT 23 O4    
32 1 Y 1 A DT 23 ? C5    ? A DT 23 C5    
33 1 Y 1 A DT 23 ? C7    ? A DT 23 C7    
34 1 Y 1 A DT 23 ? C6    ? A DT 23 C6    
# 
loop_
_software.citation_id 
_software.classification 
_software.compiler_name 
_software.compiler_version 
_software.contact_author 
_software.contact_author_email 
_software.date 
_software.description 
_software.dependencies 
_software.hardware 
_software.language 
_software.location 
_software.mods 
_software.name 
_software.os 
_software.os_version 
_software.type 
_software.version 
_software.pdbx_ordinal 
? refinement        ? ? ? ? ? ? ? ? ? ? ? REFMAC      ? ? ? 5.8.0189 1 
? 'data extraction' ? ? ? ? ? ? ? ? ? ? ? PDB_EXTRACT ? ? ? 3.27     2 
? 'data reduction'  ? ? ? ? ? ? ? ? ? ? ? XDS         ? ? ? .        3 
? 'data scaling'    ? ? ? ? ? ? ? ? ? ? ? XSCALE      ? ? ? .        4 
? phasing           ? ? ? ? ? ? ? ? ? ? ? MOLREP      ? ? ? .        5 
# 
_cell.angle_alpha                  90.000 
_cell.angle_alpha_esd              ? 
_cell.angle_beta                   90.100 
_cell.angle_beta_esd               ? 
_cell.angle_gamma                  90.000 
_cell.angle_gamma_esd              ? 
_cell.entry_id                     7PNL 
_cell.details                      ? 
_cell.formula_units_Z              ? 
_cell.length_a                     36.842 
_cell.length_a_esd                 ? 
_cell.length_b                     72.717 
_cell.length_b_esd                 ? 
_cell.length_c                     27.028 
_cell.length_c_esd                 ? 
_cell.volume                       ? 
_cell.volume_esd                   ? 
_cell.Z_PDB                        4 
_cell.reciprocal_angle_alpha       ? 
_cell.reciprocal_angle_beta        ? 
_cell.reciprocal_angle_gamma       ? 
_cell.reciprocal_angle_alpha_esd   ? 
_cell.reciprocal_angle_beta_esd    ? 
_cell.reciprocal_angle_gamma_esd   ? 
_cell.reciprocal_length_a          ? 
_cell.reciprocal_length_b          ? 
_cell.reciprocal_length_c          ? 
_cell.reciprocal_length_a_esd      ? 
_cell.reciprocal_length_b_esd      ? 
_cell.reciprocal_length_c_esd      ? 
_cell.pdbx_unique_axis             ? 
# 
_symmetry.entry_id                         7PNL 
_symmetry.cell_setting                     ? 
_symmetry.Int_Tables_number                5 
_symmetry.space_group_name_Hall            ? 
_symmetry.space_group_name_H-M             'C 1 2 1' 
_symmetry.pdbx_full_space_group_name_H-M   ? 
# 
_exptl.absorpt_coefficient_mu     ? 
_exptl.absorpt_correction_T_max   ? 
_exptl.absorpt_correction_T_min   ? 
_exptl.absorpt_correction_type    ? 
_exptl.absorpt_process_details    ? 
_exptl.entry_id                   7PNL 
_exptl.crystals_number            1 
_exptl.details                    ? 
_exptl.method                     'X-RAY DIFFRACTION' 
_exptl.method_details             ? 
# 
_exptl_crystal.colour                      ? 
_exptl_crystal.density_diffrn              ? 
_exptl_crystal.density_Matthews            2.39 
_exptl_crystal.density_method              ? 
_exptl_crystal.density_percent_sol         65.24 
_exptl_crystal.description                 ? 
_exptl_crystal.F_000                       ? 
_exptl_crystal.id                          1 
_exptl_crystal.preparation                 ? 
_exptl_crystal.size_max                    ? 
_exptl_crystal.size_mid                    ? 
_exptl_crystal.size_min                    ? 
_exptl_crystal.size_rad                    ? 
_exptl_crystal.colour_lustre               ? 
_exptl_crystal.colour_modifier             ? 
_exptl_crystal.colour_primary              ? 
_exptl_crystal.density_meas                ? 
_exptl_crystal.density_meas_esd            ? 
_exptl_crystal.density_meas_gt             ? 
_exptl_crystal.density_meas_lt             ? 
_exptl_crystal.density_meas_temp           ? 
_exptl_crystal.density_meas_temp_esd       ? 
_exptl_crystal.density_meas_temp_gt        ? 
_exptl_crystal.density_meas_temp_lt        ? 
_exptl_crystal.pdbx_crystal_image_url      ? 
_exptl_crystal.pdbx_crystal_image_format   ? 
_exptl_crystal.pdbx_mosaicity              ? 
_exptl_crystal.pdbx_mosaicity_esd          ? 
# 
_exptl_crystal_grow.apparatus       ? 
_exptl_crystal_grow.atmosphere      ? 
_exptl_crystal_grow.crystal_id      1 
_exptl_crystal_grow.details         ? 
_exptl_crystal_grow.method          'VAPOR DIFFUSION, SITTING DROP' 
_exptl_crystal_grow.method_ref      ? 
_exptl_crystal_grow.pH              6.5 
_exptl_crystal_grow.pressure        ? 
_exptl_crystal_grow.pressure_esd    ? 
_exptl_crystal_grow.seeding         ? 
_exptl_crystal_grow.seeding_ref     ? 
_exptl_crystal_grow.temp            296 
_exptl_crystal_grow.temp_details    ? 
_exptl_crystal_grow.temp_esd        ? 
_exptl_crystal_grow.time            ? 
_exptl_crystal_grow.pdbx_details    'KCl, potassium Cacodylate, MPD' 
_exptl_crystal_grow.pdbx_pH_range   ? 
# 
_diffrn.ambient_environment              ? 
_diffrn.ambient_temp                     100 
_diffrn.ambient_temp_details             ? 
_diffrn.ambient_temp_esd                 ? 
_diffrn.crystal_id                       1 
_diffrn.crystal_support                  ? 
_diffrn.crystal_treatment                ? 
_diffrn.details                          ? 
_diffrn.id                               1 
_diffrn.ambient_pressure                 ? 
_diffrn.ambient_pressure_esd             ? 
_diffrn.ambient_pressure_gt              ? 
_diffrn.ambient_pressure_lt              ? 
_diffrn.ambient_temp_gt                  ? 
_diffrn.ambient_temp_lt                  ? 
_diffrn.pdbx_serial_crystal_experiment   N 
# 
_diffrn_detector.details                      ? 
_diffrn_detector.detector                     PIXEL 
_diffrn_detector.diffrn_id                    1 
_diffrn_detector.type                         'DECTRIS PILATUS 6M' 
_diffrn_detector.area_resol_mean              ? 
_diffrn_detector.dtime                        ? 
_diffrn_detector.pdbx_frames_total            ? 
_diffrn_detector.pdbx_collection_time_total   ? 
_diffrn_detector.pdbx_collection_date         2020-09-01 
_diffrn_detector.pdbx_frequency               ? 
# 
_diffrn_radiation.collimation                      ? 
_diffrn_radiation.diffrn_id                        1 
_diffrn_radiation.filter_edge                      ? 
_diffrn_radiation.inhomogeneity                    ? 
_diffrn_radiation.monochromator                    ? 
_diffrn_radiation.polarisn_norm                    ? 
_diffrn_radiation.polarisn_ratio                   ? 
_diffrn_radiation.probe                            ? 
_diffrn_radiation.type                             ? 
_diffrn_radiation.xray_symbol                      ? 
_diffrn_radiation.wavelength_id                    1 
_diffrn_radiation.pdbx_monochromatic_or_laue_m_l   M 
_diffrn_radiation.pdbx_wavelength_list             ? 
_diffrn_radiation.pdbx_wavelength                  ? 
_diffrn_radiation.pdbx_diffrn_protocol             'SINGLE WAVELENGTH' 
_diffrn_radiation.pdbx_analyzer                    ? 
_diffrn_radiation.pdbx_scattering_type             x-ray 
# 
_diffrn_radiation_wavelength.id           1 
_diffrn_radiation_wavelength.wavelength   1.0000 
_diffrn_radiation_wavelength.wt           1.0 
# 
_diffrn_source.current                     ? 
_diffrn_source.details                     ? 
_diffrn_source.diffrn_id                   1 
_diffrn_source.power                       ? 
_diffrn_source.size                        ? 
_diffrn_source.source                      SYNCHROTRON 
_diffrn_source.target                      ? 
_diffrn_source.type                        'ELETTRA BEAMLINE 11.2C' 
_diffrn_source.voltage                     ? 
_diffrn_source.take-off_angle              ? 
_diffrn_source.pdbx_wavelength_list        1.0000 
_diffrn_source.pdbx_wavelength             ? 
_diffrn_source.pdbx_synchrotron_beamline   11.2C 
_diffrn_source.pdbx_synchrotron_site       ELETTRA 
# 
_reflns.B_iso_Wilson_estimate                          ? 
_reflns.entry_id                                       7PNL 
_reflns.data_reduction_details                         ? 
_reflns.data_reduction_method                          ? 
_reflns.d_resolution_high                              1.83 
_reflns.d_resolution_low                               36.360 
_reflns.details                                        ? 
_reflns.limit_h_max                                    ? 
_reflns.limit_h_min                                    ? 
_reflns.limit_k_max                                    ? 
_reflns.limit_k_min                                    ? 
_reflns.limit_l_max                                    ? 
_reflns.limit_l_min                                    ? 
_reflns.number_all                                     ? 
_reflns.number_obs                                     6268 
_reflns.observed_criterion                             ? 
_reflns.observed_criterion_F_max                       ? 
_reflns.observed_criterion_F_min                       ? 
_reflns.observed_criterion_I_max                       ? 
_reflns.observed_criterion_I_min                       ? 
_reflns.observed_criterion_sigma_F                     ? 
_reflns.observed_criterion_sigma_I                     ? 
_reflns.percent_possible_obs                           98.8 
_reflns.R_free_details                                 ? 
_reflns.Rmerge_F_all                                   ? 
_reflns.Rmerge_F_obs                                   ? 
_reflns.Friedel_coverage                               ? 
_reflns.number_gt                                      ? 
_reflns.threshold_expression                           ? 
_reflns.pdbx_redundancy                                3.27 
_reflns.pdbx_Rmerge_I_obs                              0.038 
_reflns.pdbx_Rmerge_I_all                              ? 
_reflns.pdbx_Rsym_value                                ? 
_reflns.pdbx_netI_over_av_sigmaI                       ? 
_reflns.pdbx_netI_over_sigmaI                          13.73 
_reflns.pdbx_res_netI_over_av_sigmaI_2                 ? 
_reflns.pdbx_res_netI_over_sigmaI_2                    ? 
_reflns.pdbx_chi_squared                               ? 
_reflns.pdbx_scaling_rejects                           ? 
_reflns.pdbx_d_res_high_opt                            ? 
_reflns.pdbx_d_res_low_opt                             ? 
_reflns.pdbx_d_res_opt_method                          ? 
_reflns.phase_calculation_details                      ? 
_reflns.pdbx_Rrim_I_all                                0.046 
_reflns.pdbx_Rpim_I_all                                ? 
_reflns.pdbx_d_opt                                     ? 
_reflns.pdbx_number_measured_all                       ? 
_reflns.pdbx_diffrn_id                                 1 
_reflns.pdbx_ordinal                                   1 
_reflns.pdbx_CC_half                                   0.998 
_reflns.pdbx_CC_star                                   ? 
_reflns.pdbx_R_split                                   ? 
_reflns.pdbx_aniso_diffraction_limit_axis_1_ortho[1]   ? 
_reflns.pdbx_aniso_diffraction_limit_axis_1_ortho[2]   ? 
_reflns.pdbx_aniso_diffraction_limit_axis_1_ortho[3]   ? 
_reflns.pdbx_aniso_diffraction_limit_axis_2_ortho[1]   ? 
_reflns.pdbx_aniso_diffraction_limit_axis_2_ortho[2]   ? 
_reflns.pdbx_aniso_diffraction_limit_axis_2_ortho[3]   ? 
_reflns.pdbx_aniso_diffraction_limit_axis_3_ortho[1]   ? 
_reflns.pdbx_aniso_diffraction_limit_axis_3_ortho[2]   ? 
_reflns.pdbx_aniso_diffraction_limit_axis_3_ortho[3]   ? 
_reflns.pdbx_aniso_diffraction_limit_1                 ? 
_reflns.pdbx_aniso_diffraction_limit_2                 ? 
_reflns.pdbx_aniso_diffraction_limit_3                 ? 
_reflns.pdbx_aniso_B_tensor_eigenvector_1_ortho[1]     ? 
_reflns.pdbx_aniso_B_tensor_eigenvector_1_ortho[2]     ? 
_reflns.pdbx_aniso_B_tensor_eigenvector_1_ortho[3]     ? 
_reflns.pdbx_aniso_B_tensor_eigenvector_2_ortho[1]     ? 
_reflns.pdbx_aniso_B_tensor_eigenvector_2_ortho[2]     ? 
_reflns.pdbx_aniso_B_tensor_eigenvector_2_ortho[3]     ? 
_reflns.pdbx_aniso_B_tensor_eigenvector_3_ortho[1]     ? 
_reflns.pdbx_aniso_B_tensor_eigenvector_3_ortho[2]     ? 
_reflns.pdbx_aniso_B_tensor_eigenvector_3_ortho[3]     ? 
_reflns.pdbx_aniso_B_tensor_eigenvalue_1               ? 
_reflns.pdbx_aniso_B_tensor_eigenvalue_2               ? 
_reflns.pdbx_aniso_B_tensor_eigenvalue_3               ? 
_reflns.pdbx_orthogonalization_convention              ? 
_reflns.pdbx_percent_possible_ellipsoidal              ? 
_reflns.pdbx_percent_possible_spherical                ? 
_reflns.pdbx_percent_possible_ellipsoidal_anomalous    ? 
_reflns.pdbx_percent_possible_spherical_anomalous      ? 
_reflns.pdbx_redundancy_anomalous                      ? 
_reflns.pdbx_CC_half_anomalous                         ? 
_reflns.pdbx_absDiff_over_sigma_anomalous              ? 
_reflns.pdbx_percent_possible_anomalous                ? 
_reflns.pdbx_observed_signal_threshold                 ? 
_reflns.pdbx_signal_type                               ? 
_reflns.pdbx_signal_details                            ? 
_reflns.pdbx_signal_software_id                        ? 
# 
_reflns_shell.d_res_high                                    1.83 
_reflns_shell.d_res_low                                     1.94 
_reflns_shell.meanI_over_sigI_all                           ? 
_reflns_shell.meanI_over_sigI_obs                           1.50 
_reflns_shell.number_measured_all                           ? 
_reflns_shell.number_measured_obs                           ? 
_reflns_shell.number_possible                               ? 
_reflns_shell.number_unique_all                             ? 
_reflns_shell.number_unique_obs                             1996 
_reflns_shell.percent_possible_all                          99.2 
_reflns_shell.percent_possible_obs                          ? 
_reflns_shell.Rmerge_F_all                                  ? 
_reflns_shell.Rmerge_F_obs                                  ? 
_reflns_shell.Rmerge_I_all                                  ? 
_reflns_shell.Rmerge_I_obs                                  0.649 
_reflns_shell.meanI_over_sigI_gt                            ? 
_reflns_shell.meanI_over_uI_all                             ? 
_reflns_shell.meanI_over_uI_gt                              ? 
_reflns_shell.number_measured_gt                            ? 
_reflns_shell.number_unique_gt                              ? 
_reflns_shell.percent_possible_gt                           ? 
_reflns_shell.Rmerge_F_gt                                   ? 
_reflns_shell.Rmerge_I_gt                                   ? 
_reflns_shell.pdbx_redundancy                               3.2 
_reflns_shell.pdbx_Rsym_value                               ? 
_reflns_shell.pdbx_chi_squared                              0.57 
_reflns_shell.pdbx_netI_over_sigmaI_all                     ? 
_reflns_shell.pdbx_netI_over_sigmaI_obs                     ? 
_reflns_shell.pdbx_Rrim_I_all                               0.779 
_reflns_shell.pdbx_Rpim_I_all                               ? 
_reflns_shell.pdbx_rejects                                  ? 
_reflns_shell.pdbx_ordinal                                  1 
_reflns_shell.pdbx_diffrn_id                                1 
_reflns_shell.pdbx_CC_half                                  0.891 
_reflns_shell.pdbx_CC_star                                  ? 
_reflns_shell.pdbx_R_split                                  ? 
_reflns_shell.pdbx_percent_possible_ellipsoidal             ? 
_reflns_shell.pdbx_percent_possible_spherical               ? 
_reflns_shell.pdbx_percent_possible_ellipsoidal_anomalous   ? 
_reflns_shell.pdbx_percent_possible_spherical_anomalous     ? 
_reflns_shell.pdbx_redundancy_anomalous                     ? 
_reflns_shell.pdbx_CC_half_anomalous                        ? 
_reflns_shell.pdbx_absDiff_over_sigma_anomalous             ? 
_reflns_shell.pdbx_percent_possible_anomalous               ? 
# 
_refine.aniso_B[1][1]                            3.2900 
_refine.aniso_B[1][2]                            -0.0000 
_refine.aniso_B[1][3]                            -0.1700 
_refine.aniso_B[2][2]                            1.1300 
_refine.aniso_B[2][3]                            -0.0000 
_refine.aniso_B[3][3]                            -4.4200 
_refine.B_iso_max                                163.540 
_refine.B_iso_mean                               56.1260 
_refine.B_iso_min                                28.760 
_refine.correlation_coeff_Fo_to_Fc               0.9690 
_refine.correlation_coeff_Fo_to_Fc_free          0.9120 
_refine.details                                  'U VALUES      : REFINED INDIVIDUALLY' 
_refine.diff_density_max                         ? 
_refine.diff_density_max_esd                     ? 
_refine.diff_density_min                         ? 
_refine.diff_density_min_esd                     ? 
_refine.diff_density_rms                         ? 
_refine.diff_density_rms_esd                     ? 
_refine.entry_id                                 7PNL 
_refine.pdbx_refine_id                           'X-RAY DIFFRACTION' 
_refine.ls_abs_structure_details                 ? 
_refine.ls_abs_structure_Flack                   ? 
_refine.ls_abs_structure_Flack_esd               ? 
_refine.ls_abs_structure_Rogers                  ? 
_refine.ls_abs_structure_Rogers_esd              ? 
_refine.ls_d_res_high                            1.8300 
_refine.ls_d_res_low                             36.3600 
_refine.ls_extinction_coef                       ? 
_refine.ls_extinction_coef_esd                   ? 
_refine.ls_extinction_expression                 ? 
_refine.ls_extinction_method                     ? 
_refine.ls_goodness_of_fit_all                   ? 
_refine.ls_goodness_of_fit_all_esd               ? 
_refine.ls_goodness_of_fit_obs                   ? 
_refine.ls_goodness_of_fit_obs_esd               ? 
_refine.ls_hydrogen_treatment                    ? 
_refine.ls_matrix_type                           ? 
_refine.ls_number_constraints                    ? 
_refine.ls_number_parameters                     ? 
_refine.ls_number_reflns_all                     ? 
_refine.ls_number_reflns_obs                     5913 
_refine.ls_number_reflns_R_free                  336 
_refine.ls_number_reflns_R_work                  ? 
_refine.ls_number_restraints                     ? 
_refine.ls_percent_reflns_obs                    99.2400 
_refine.ls_percent_reflns_R_free                 5.4000 
_refine.ls_R_factor_all                          ? 
_refine.ls_R_factor_obs                          0.2092 
_refine.ls_R_factor_R_free                       0.3213 
_refine.ls_R_factor_R_free_error                 ? 
_refine.ls_R_factor_R_free_error_details         ? 
_refine.ls_R_factor_R_work                       0.20442 
_refine.ls_R_Fsqd_factor_obs                     ? 
_refine.ls_R_I_factor_obs                        ? 
_refine.ls_redundancy_reflns_all                 ? 
_refine.ls_redundancy_reflns_obs                 ? 
_refine.ls_restrained_S_all                      ? 
_refine.ls_restrained_S_obs                      ? 
_refine.ls_shift_over_esd_max                    ? 
_refine.ls_shift_over_esd_mean                   ? 
_refine.ls_structure_factor_coef                 ? 
_refine.ls_weighting_details                     ? 
_refine.ls_weighting_scheme                      ? 
_refine.ls_wR_factor_all                         ? 
_refine.ls_wR_factor_obs                         ? 
_refine.ls_wR_factor_R_free                      ? 
_refine.ls_wR_factor_R_work                      ? 
_refine.occupancy_max                            ? 
_refine.occupancy_min                            ? 
_refine.solvent_model_details                    MASK 
_refine.solvent_model_param_bsol                 ? 
_refine.solvent_model_param_ksol                 ? 
_refine.pdbx_R_complete                          ? 
_refine.ls_R_factor_gt                           ? 
_refine.ls_goodness_of_fit_gt                    ? 
_refine.ls_goodness_of_fit_ref                   ? 
_refine.ls_shift_over_su_max                     ? 
_refine.ls_shift_over_su_max_lt                  ? 
_refine.ls_shift_over_su_mean                    ? 
_refine.ls_shift_over_su_mean_lt                 ? 
_refine.pdbx_ls_sigma_I                          ? 
_refine.pdbx_ls_sigma_F                          0.000 
_refine.pdbx_ls_sigma_Fsqd                       ? 
_refine.pdbx_data_cutoff_high_absF               ? 
_refine.pdbx_data_cutoff_high_rms_absF           ? 
_refine.pdbx_data_cutoff_low_absF                ? 
_refine.pdbx_isotropic_thermal_model             ? 
_refine.pdbx_ls_cross_valid_method               THROUGHOUT 
_refine.pdbx_method_to_determine_struct          'MOLECULAR REPLACEMENT' 
_refine.pdbx_starting_model                      6H5R 
_refine.pdbx_stereochemistry_target_values       'MAXIMUM LIKELIHOOD' 
_refine.pdbx_R_Free_selection_details            RANDOM 
_refine.pdbx_stereochem_target_val_spec_case     ? 
_refine.pdbx_overall_ESU_R                       0.1530 
_refine.pdbx_overall_ESU_R_Free                  0.1880 
_refine.pdbx_solvent_vdw_probe_radii             1.2000 
_refine.pdbx_solvent_ion_probe_radii             0.8000 
_refine.pdbx_solvent_shrinkage_radii             0.8000 
_refine.pdbx_real_space_R                        ? 
_refine.pdbx_density_correlation                 ? 
_refine.pdbx_pd_number_of_powder_patterns        ? 
_refine.pdbx_pd_number_of_points                 ? 
_refine.pdbx_pd_meas_number_of_points            ? 
_refine.pdbx_pd_proc_ls_prof_R_factor            ? 
_refine.pdbx_pd_proc_ls_prof_wR_factor           ? 
_refine.pdbx_pd_Marquardt_correlation_coeff      ? 
_refine.pdbx_pd_Fsqrd_R_factor                   ? 
_refine.pdbx_pd_ls_matrix_band_width             ? 
_refine.pdbx_overall_phase_error                 ? 
_refine.pdbx_overall_SU_R_free_Cruickshank_DPI   ? 
_refine.pdbx_overall_SU_R_free_Blow_DPI          ? 
_refine.pdbx_overall_SU_R_Blow_DPI               ? 
_refine.pdbx_TLS_residual_ADP_flag               ? 
_refine.pdbx_diffrn_id                           1 
_refine.overall_SU_B                             4.7840 
_refine.overall_SU_ML                            0.1300 
_refine.overall_SU_R_Cruickshank_DPI             0.1535 
_refine.overall_SU_R_free                        ? 
_refine.overall_FOM_free_R_set                   ? 
_refine.overall_FOM_work_R_set                   ? 
_refine.pdbx_average_fsc_overall                 ? 
_refine.pdbx_average_fsc_work                    ? 
_refine.pdbx_average_fsc_free                    ? 
# 
_refine_hist.pdbx_refine_id                   'X-RAY DIFFRACTION' 
_refine_hist.cycle_id                         final 
_refine_hist.details                          ? 
_refine_hist.d_res_high                       1.8300 
_refine_hist.d_res_low                        36.3600 
_refine_hist.number_atoms_solvent             38 
_refine_hist.number_atoms_total               598 
_refine_hist.number_reflns_all                ? 
_refine_hist.number_reflns_obs                ? 
_refine_hist.number_reflns_R_free             ? 
_refine_hist.number_reflns_R_work             ? 
_refine_hist.R_factor_all                     ? 
_refine_hist.R_factor_obs                     ? 
_refine_hist.R_factor_R_free                  ? 
_refine_hist.R_factor_R_work                  ? 
_refine_hist.pdbx_number_residues_total       23 
_refine_hist.pdbx_B_iso_mean_ligand           57.25 
_refine_hist.pdbx_B_iso_mean_solvent          63.10 
_refine_hist.pdbx_number_atoms_protein        0 
_refine_hist.pdbx_number_atoms_nucleic_acid   469 
_refine_hist.pdbx_number_atoms_ligand         91 
_refine_hist.pdbx_number_atoms_lipid          ? 
_refine_hist.pdbx_number_atoms_carb           ? 
_refine_hist.pdbx_pseudo_atom_details         ? 
# 
loop_
_refine_ls_restr.pdbx_refine_id 
_refine_ls_restr.criterion 
_refine_ls_restr.dev_ideal 
_refine_ls_restr.dev_ideal_target 
_refine_ls_restr.number 
_refine_ls_restr.rejects 
_refine_ls_restr.type 
_refine_ls_restr.weight 
_refine_ls_restr.pdbx_restraint_function 
'X-RAY DIFFRACTION' ? 0.008 0.011 608 ? r_bond_refined_d     ? ? 
'X-RAY DIFFRACTION' ? 2.138 1.155 933 ? r_angle_refined_deg  ? ? 
'X-RAY DIFFRACTION' ? 0.129 0.200 64  ? r_chiral_restr       ? ? 
'X-RAY DIFFRACTION' ? 0.013 0.020 604 ? r_gen_planes_refined ? ? 
# 
_refine_ls_shell.pdbx_refine_id                   'X-RAY DIFFRACTION' 
_refine_ls_shell.d_res_high                       1.8300 
_refine_ls_shell.d_res_low                        1.8770 
_refine_ls_shell.number_reflns_all                449 
_refine_ls_shell.number_reflns_obs                ? 
_refine_ls_shell.number_reflns_R_free             22 
_refine_ls_shell.number_reflns_R_work             427 
_refine_ls_shell.percent_reflns_obs               99.3400 
_refine_ls_shell.percent_reflns_R_free            ? 
_refine_ls_shell.R_factor_all                     ? 
_refine_ls_shell.R_factor_obs                     ? 
_refine_ls_shell.R_factor_R_free                  0.3750 
_refine_ls_shell.R_factor_R_free_error            0.0000 
_refine_ls_shell.R_factor_R_work                  0.4870 
_refine_ls_shell.redundancy_reflns_all            ? 
_refine_ls_shell.redundancy_reflns_obs            ? 
_refine_ls_shell.wR_factor_all                    ? 
_refine_ls_shell.wR_factor_obs                    ? 
_refine_ls_shell.wR_factor_R_free                 ? 
_refine_ls_shell.wR_factor_R_work                 ? 
_refine_ls_shell.pdbx_R_complete                  ? 
_refine_ls_shell.pdbx_total_number_of_bins_used   20 
_refine_ls_shell.pdbx_phase_error                 ? 
_refine_ls_shell.pdbx_fsc_work                    ? 
_refine_ls_shell.pdbx_fsc_free                    ? 
# 
_struct.entry_id                     7PNL 
_struct.title                        
'Complex between monomolecular human telomeric G-quadruplex and a sulfonamide derivative of the natural alkaloid Berberine' 
_struct.pdbx_model_details           ? 
_struct.pdbx_formula_weight          ? 
_struct.pdbx_formula_weight_method   ? 
_struct.pdbx_model_type_details      ? 
_struct.pdbx_CASP_flag               N 
# 
_struct_keywords.entry_id        7PNL 
_struct_keywords.text            'DRUG-DNA COMPLEX, telomeric G-quadruplex, DNA' 
_struct_keywords.pdbx_keywords   DNA 
# 
loop_
_struct_asym.id 
_struct_asym.pdbx_blank_PDB_chainid_flag 
_struct_asym.pdbx_modified 
_struct_asym.entity_id 
_struct_asym.details 
A N N 1 ? 
B N N 2 ? 
C N N 2 ? 
D N N 2 ? 
E N N 3 ? 
F N N 3 ? 
G N N 4 ? 
# 
_struct_ref.id                         1 
_struct_ref.db_name                    PDB 
_struct_ref.db_code                    7PNL 
_struct_ref.pdbx_db_accession          7PNL 
_struct_ref.pdbx_db_isoform            ? 
_struct_ref.entity_id                  1 
_struct_ref.pdbx_seq_one_letter_code   ? 
_struct_ref.pdbx_align_begin           1 
# 
_struct_ref_seq.align_id                      1 
_struct_ref_seq.ref_id                        1 
_struct_ref_seq.pdbx_PDB_id_code              7PNL 
_struct_ref_seq.pdbx_strand_id                A 
_struct_ref_seq.seq_align_beg                 1 
_struct_ref_seq.pdbx_seq_align_beg_ins_code   ? 
_struct_ref_seq.seq_align_end                 23 
_struct_ref_seq.pdbx_seq_align_end_ins_code   ? 
_struct_ref_seq.pdbx_db_accession             7PNL 
_struct_ref_seq.db_align_beg                  1 
_struct_ref_seq.pdbx_db_align_beg_ins_code    ? 
_struct_ref_seq.db_align_end                  23 
_struct_ref_seq.pdbx_db_align_end_ins_code    ? 
_struct_ref_seq.pdbx_auth_seq_align_beg       1 
_struct_ref_seq.pdbx_auth_seq_align_end       23 
# 
_pdbx_struct_assembly.id                   1 
_pdbx_struct_assembly.details              author_and_software_defined_assembly 
_pdbx_struct_assembly.method_details       PISA 
_pdbx_struct_assembly.oligomeric_details   monomeric 
_pdbx_struct_assembly.oligomeric_count     1 
# 
loop_
_pdbx_struct_assembly_prop.biol_id 
_pdbx_struct_assembly_prop.type 
_pdbx_struct_assembly_prop.value 
_pdbx_struct_assembly_prop.details 
1 'ABSA (A^2)' 440  ? 
1 MORE         0    ? 
1 'SSA (A^2)'  4470 ? 
# 
_pdbx_struct_assembly_gen.assembly_id       1 
_pdbx_struct_assembly_gen.oper_expression   1 
_pdbx_struct_assembly_gen.asym_id_list      A,B,C,D,E,F,G 
# 
_pdbx_struct_assembly_auth_evidence.id                     1 
_pdbx_struct_assembly_auth_evidence.assembly_id            1 
_pdbx_struct_assembly_auth_evidence.experimental_support   none 
_pdbx_struct_assembly_auth_evidence.details                ? 
# 
_pdbx_struct_oper_list.id                   1 
_pdbx_struct_oper_list.type                 'identity operation' 
_pdbx_struct_oper_list.name                 1_555 
_pdbx_struct_oper_list.symmetry_operation   x,y,z 
_pdbx_struct_oper_list.matrix[1][1]         1.0000000000 
_pdbx_struct_oper_list.matrix[1][2]         0.0000000000 
_pdbx_struct_oper_list.matrix[1][3]         0.0000000000 
_pdbx_struct_oper_list.vector[1]            0.0000000000 
_pdbx_struct_oper_list.matrix[2][1]         0.0000000000 
_pdbx_struct_oper_list.matrix[2][2]         1.0000000000 
_pdbx_struct_oper_list.matrix[2][3]         0.0000000000 
_pdbx_struct_oper_list.vector[2]            0.0000000000 
_pdbx_struct_oper_list.matrix[3][1]         0.0000000000 
_pdbx_struct_oper_list.matrix[3][2]         0.0000000000 
_pdbx_struct_oper_list.matrix[3][3]         1.0000000000 
_pdbx_struct_oper_list.vector[3]            0.0000000000 
# 
loop_
_struct_conn.id 
_struct_conn.conn_type_id 
_struct_conn.pdbx_leaving_atom_flag 
_struct_conn.pdbx_PDB_id 
_struct_conn.ptnr1_label_asym_id 
_struct_conn.ptnr1_label_comp_id 
_struct_conn.ptnr1_label_seq_id 
_struct_conn.ptnr1_label_atom_id 
_struct_conn.pdbx_ptnr1_label_alt_id 
_struct_conn.pdbx_ptnr1_PDB_ins_code 
_struct_conn.pdbx_ptnr1_standard_comp_id 
_struct_conn.ptnr1_symmetry 
_struct_conn.ptnr2_label_asym_id 
_struct_conn.ptnr2_label_comp_id 
_struct_conn.ptnr2_label_seq_id 
_struct_conn.ptnr2_label_atom_id 
_struct_conn.pdbx_ptnr2_label_alt_id 
_struct_conn.pdbx_ptnr2_PDB_ins_code 
_struct_conn.ptnr1_auth_asym_id 
_struct_conn.ptnr1_auth_comp_id 
_struct_conn.ptnr1_auth_seq_id 
_struct_conn.ptnr2_auth_asym_id 
_struct_conn.ptnr2_auth_comp_id 
_struct_conn.ptnr2_auth_seq_id 
_struct_conn.ptnr2_symmetry 
_struct_conn.pdbx_ptnr3_label_atom_id 
_struct_conn.pdbx_ptnr3_label_seq_id 
_struct_conn.pdbx_ptnr3_label_comp_id 
_struct_conn.pdbx_ptnr3_label_asym_id 
_struct_conn.pdbx_ptnr3_label_alt_id 
_struct_conn.pdbx_ptnr3_PDB_ins_code 
_struct_conn.details 
_struct_conn.pdbx_dist_value 
_struct_conn.pdbx_value_order 
_struct_conn.pdbx_role 
covale1  covale none ? A DT 11 C7 ? ? ? 1_555 E 7VE .  N5 A ? A DT 11 A 7VE 104 1_555 ? ? ? ? ? ? ?               1.296 ? ? 
metalc1  metalc ?    ? A DG 2  O6 ? ? ? 1_555 C K   .  K  ? ? A DG 2  A K   102 1_555 ? ? ? ? ? ? ?               2.746 ? ? 
metalc2  metalc ?    ? A DG 2  O6 ? ? ? 1_555 D K   .  K  ? ? A DG 2  A K   103 1_555 ? ? ? ? ? ? ?               2.954 ? ? 
metalc3  metalc ?    ? A DG 2  O6 ? ? ? 1_555 D K   .  K  ? ? A DG 2  A K   103 2_556 ? ? ? ? ? ? ?               2.685 ? ? 
metalc4  metalc ?    ? A DG 3  O6 ? ? ? 1_555 B K   .  K  ? ? A DG 3  A K   101 1_555 ? ? ? ? ? ? ?               2.832 ? ? 
metalc5  metalc ?    ? A DG 3  O6 ? ? ? 1_555 C K   .  K  ? ? A DG 3  A K   102 1_555 ? ? ? ? ? ? ?               2.777 ? ? 
metalc6  metalc ?    ? A DG 4  O6 ? ? ? 1_555 B K   .  K  ? ? A DG 4  A K   101 1_555 ? ? ? ? ? ? ?               2.648 ? ? 
metalc7  metalc ?    ? A DG 8  O6 ? ? ? 1_555 C K   .  K  ? ? A DG 8  A K   102 1_555 ? ? ? ? ? ? ?               2.797 ? ? 
metalc8  metalc ?    ? A DG 8  O6 ? ? ? 1_555 D K   .  K  ? ? A DG 8  A K   103 1_555 ? ? ? ? ? ? ?               2.945 ? ? 
metalc9  metalc ?    ? A DG 8  O6 ? ? ? 1_555 D K   .  K  ? ? A DG 8  A K   103 2_556 ? ? ? ? ? ? ?               2.677 ? ? 
metalc10 metalc ?    ? A DG 9  O6 ? ? ? 1_555 B K   .  K  ? ? A DG 9  A K   101 1_555 ? ? ? ? ? ? ?               2.965 ? ? 
metalc11 metalc ?    ? A DG 9  O6 ? ? ? 1_555 C K   .  K  ? ? A DG 9  A K   102 1_555 ? ? ? ? ? ? ?               2.862 ? ? 
metalc12 metalc ?    ? A DG 10 O6 ? ? ? 1_555 B K   .  K  ? ? A DG 10 A K   101 1_555 ? ? ? ? ? ? ?               2.668 ? ? 
metalc13 metalc ?    ? A DG 14 O6 ? ? ? 1_555 C K   .  K  ? ? A DG 14 A K   102 1_555 ? ? ? ? ? ? ?               2.751 ? ? 
metalc14 metalc ?    ? A DG 14 O6 ? ? ? 1_555 D K   .  K  ? ? A DG 14 A K   103 1_555 ? ? ? ? ? ? ?               2.919 ? ? 
metalc15 metalc ?    ? A DG 14 O6 ? ? ? 1_555 D K   .  K  ? ? A DG 14 A K   103 2_556 ? ? ? ? ? ? ?               2.651 ? ? 
metalc16 metalc ?    ? A DG 15 O6 ? ? ? 1_555 B K   .  K  ? ? A DG 15 A K   101 1_555 ? ? ? ? ? ? ?               2.921 ? ? 
metalc17 metalc ?    ? A DG 15 O6 ? ? ? 1_555 C K   .  K  ? ? A DG 15 A K   102 1_555 ? ? ? ? ? ? ?               2.775 ? ? 
metalc18 metalc ?    ? A DG 16 O6 ? ? ? 1_555 B K   .  K  ? ? A DG 16 A K   101 1_555 ? ? ? ? ? ? ?               2.642 ? ? 
metalc19 metalc ?    ? A DG 20 O6 ? ? ? 1_555 C K   .  K  ? ? A DG 20 A K   102 1_555 ? ? ? ? ? ? ?               2.723 ? ? 
metalc20 metalc ?    ? A DG 20 O6 ? ? ? 1_555 D K   .  K  ? ? A DG 20 A K   103 1_555 ? ? ? ? ? ? ?               2.955 ? ? 
metalc21 metalc ?    ? A DG 20 O6 ? ? ? 1_555 D K   .  K  ? ? A DG 20 A K   103 2_556 ? ? ? ? ? ? ?               2.688 ? ? 
metalc22 metalc ?    ? A DG 21 O6 ? ? ? 1_555 B K   .  K  ? ? A DG 21 A K   101 1_555 ? ? ? ? ? ? ?               2.918 ? ? 
metalc23 metalc ?    ? A DG 21 O6 ? ? ? 1_555 C K   .  K  ? ? A DG 21 A K   102 1_555 ? ? ? ? ? ? ?               2.770 ? ? 
metalc24 metalc ?    ? A DG 22 O6 ? ? ? 1_555 B K   .  K  ? ? A DG 22 A K   101 1_555 ? ? ? ? ? ? ?               2.655 ? ? 
hydrog1  hydrog ?    ? A DG 2  N1 ? ? ? 1_555 A DG  8  O6 ? ? A DG 2  A DG  8   1_555 ? ? ? ? ? ? TYPE_6_PAIR     ?     ? ? 
hydrog2  hydrog ?    ? A DG 2  N2 ? ? ? 1_555 A DG  8  N7 ? ? A DG 2  A DG  8   1_555 ? ? ? ? ? ? TYPE_6_PAIR     ?     ? ? 
hydrog3  hydrog ?    ? A DG 2  N7 ? ? ? 1_555 A DG  20 N2 ? ? A DG 2  A DG  20  1_555 ? ? ? ? ? ? TYPE_6_PAIR     ?     ? ? 
hydrog4  hydrog ?    ? A DG 2  O6 ? ? ? 1_555 A DG  20 N1 ? ? A DG 2  A DG  20  1_555 ? ? ? ? ? ? TYPE_6_PAIR     ?     ? ? 
hydrog5  hydrog ?    ? A DG 3  N1 ? ? ? 1_555 A DG  9  O6 ? ? A DG 3  A DG  9   1_555 ? ? ? ? ? ? TYPE_6_PAIR     ?     ? ? 
hydrog6  hydrog ?    ? A DG 3  N2 ? ? ? 1_555 A DG  9  N7 ? ? A DG 3  A DG  9   1_555 ? ? ? ? ? ? TYPE_6_PAIR     ?     ? ? 
hydrog7  hydrog ?    ? A DG 3  N7 ? ? ? 1_555 A DG  21 N2 ? ? A DG 3  A DG  21  1_555 ? ? ? ? ? ? TYPE_6_PAIR     ?     ? ? 
hydrog8  hydrog ?    ? A DG 3  O6 ? ? ? 1_555 A DG  21 N1 ? ? A DG 3  A DG  21  1_555 ? ? ? ? ? ? TYPE_6_PAIR     ?     ? ? 
hydrog9  hydrog ?    ? A DG 4  N2 ? ? ? 1_555 A DA  7  N1 ? ? A DG 4  A DA  7   1_555 ? ? ? ? ? ? 'DG-DA MISPAIR' ?     ? ? 
hydrog10 hydrog ?    ? A DG 4  N1 ? ? ? 1_555 A DG  10 O6 ? ? A DG 4  A DG  10  1_555 ? ? ? ? ? ? TYPE_6_PAIR     ?     ? ? 
hydrog11 hydrog ?    ? A DG 4  N2 ? ? ? 1_555 A DG  10 N7 ? ? A DG 4  A DG  10  1_555 ? ? ? ? ? ? TYPE_6_PAIR     ?     ? ? 
hydrog12 hydrog ?    ? A DG 4  N7 ? ? ? 1_555 A DG  22 N2 ? ? A DG 4  A DG  22  1_555 ? ? ? ? ? ? TYPE_6_PAIR     ?     ? ? 
hydrog13 hydrog ?    ? A DG 4  O6 ? ? ? 1_555 A DG  22 N1 ? ? A DG 4  A DG  22  1_555 ? ? ? ? ? ? TYPE_6_PAIR     ?     ? ? 
hydrog14 hydrog ?    ? A DG 8  N1 ? ? ? 1_555 A DG  14 O6 ? ? A DG 8  A DG  14  1_555 ? ? ? ? ? ? TYPE_6_PAIR     ?     ? ? 
hydrog15 hydrog ?    ? A DG 8  N2 ? ? ? 1_555 A DG  14 N7 ? ? A DG 8  A DG  14  1_555 ? ? ? ? ? ? TYPE_6_PAIR     ?     ? ? 
hydrog16 hydrog ?    ? A DG 9  N1 ? ? ? 1_555 A DG  15 O6 ? ? A DG 9  A DG  15  1_555 ? ? ? ? ? ? TYPE_6_PAIR     ?     ? ? 
hydrog17 hydrog ?    ? A DG 9  N2 ? ? ? 1_555 A DG  15 N7 ? ? A DG 9  A DG  15  1_555 ? ? ? ? ? ? TYPE_6_PAIR     ?     ? ? 
hydrog18 hydrog ?    ? A DG 10 N2 ? ? ? 1_555 A DA  13 N1 ? ? A DG 10 A DA  13  1_555 ? ? ? ? ? ? 'DG-DA MISPAIR' ?     ? ? 
hydrog19 hydrog ?    ? A DG 10 N1 ? ? ? 1_555 A DG  16 O6 ? ? A DG 10 A DG  16  1_555 ? ? ? ? ? ? TYPE_6_PAIR     ?     ? ? 
hydrog20 hydrog ?    ? A DG 10 N2 ? ? ? 1_555 A DG  16 N7 ? ? A DG 10 A DG  16  1_555 ? ? ? ? ? ? TYPE_6_PAIR     ?     ? ? 
hydrog21 hydrog ?    ? A DG 14 N1 ? ? ? 1_555 A DG  20 O6 ? ? A DG 14 A DG  20  1_555 ? ? ? ? ? ? TYPE_6_PAIR     ?     ? ? 
hydrog22 hydrog ?    ? A DG 14 N2 ? ? ? 1_555 A DG  20 N7 ? ? A DG 14 A DG  20  1_555 ? ? ? ? ? ? TYPE_6_PAIR     ?     ? ? 
hydrog23 hydrog ?    ? A DG 15 N1 ? ? ? 1_555 A DG  21 O6 ? ? A DG 15 A DG  21  1_555 ? ? ? ? ? ? TYPE_6_PAIR     ?     ? ? 
hydrog24 hydrog ?    ? A DG 15 N2 ? ? ? 1_555 A DG  21 N7 ? ? A DG 15 A DG  21  1_555 ? ? ? ? ? ? TYPE_6_PAIR     ?     ? ? 
hydrog25 hydrog ?    ? A DG 16 N2 ? ? ? 1_555 A DA  19 N1 ? ? A DG 16 A DA  19  1_555 ? ? ? ? ? ? 'DG-DA MISPAIR' ?     ? ? 
hydrog26 hydrog ?    ? A DG 16 N1 ? ? ? 1_555 A DG  22 O6 ? ? A DG 16 A DG  22  1_555 ? ? ? ? ? ? TYPE_6_PAIR     ?     ? ? 
hydrog27 hydrog ?    ? A DG 16 N2 ? ? ? 1_555 A DG  22 N7 ? ? A DG 16 A DG  22  1_555 ? ? ? ? ? ? TYPE_6_PAIR     ?     ? ? 
# 
loop_
_struct_conn_type.id 
_struct_conn_type.criteria 
_struct_conn_type.reference 
covale ? ? 
metalc ? ? 
hydrog ? ? 
# 
loop_
_pdbx_struct_conn_angle.id 
_pdbx_struct_conn_angle.ptnr1_label_atom_id 
_pdbx_struct_conn_angle.ptnr1_label_alt_id 
_pdbx_struct_conn_angle.ptnr1_label_asym_id 
_pdbx_struct_conn_angle.ptnr1_label_comp_id 
_pdbx_struct_conn_angle.ptnr1_label_seq_id 
_pdbx_struct_conn_angle.ptnr1_auth_atom_id 
_pdbx_struct_conn_angle.ptnr1_auth_asym_id 
_pdbx_struct_conn_angle.ptnr1_auth_comp_id 
_pdbx_struct_conn_angle.ptnr1_auth_seq_id 
_pdbx_struct_conn_angle.ptnr1_PDB_ins_code 
_pdbx_struct_conn_angle.ptnr1_symmetry 
_pdbx_struct_conn_angle.ptnr2_label_atom_id 
_pdbx_struct_conn_angle.ptnr2_label_alt_id 
_pdbx_struct_conn_angle.ptnr2_label_asym_id 
_pdbx_struct_conn_angle.ptnr2_label_comp_id 
_pdbx_struct_conn_angle.ptnr2_label_seq_id 
_pdbx_struct_conn_angle.ptnr2_auth_atom_id 
_pdbx_struct_conn_angle.ptnr2_auth_asym_id 
_pdbx_struct_conn_angle.ptnr2_auth_comp_id 
_pdbx_struct_conn_angle.ptnr2_auth_seq_id 
_pdbx_struct_conn_angle.ptnr2_PDB_ins_code 
_pdbx_struct_conn_angle.ptnr2_symmetry 
_pdbx_struct_conn_angle.ptnr3_label_atom_id 
_pdbx_struct_conn_angle.ptnr3_label_alt_id 
_pdbx_struct_conn_angle.ptnr3_label_asym_id 
_pdbx_struct_conn_angle.ptnr3_label_comp_id 
_pdbx_struct_conn_angle.ptnr3_label_seq_id 
_pdbx_struct_conn_angle.ptnr3_auth_atom_id 
_pdbx_struct_conn_angle.ptnr3_auth_asym_id 
_pdbx_struct_conn_angle.ptnr3_auth_comp_id 
_pdbx_struct_conn_angle.ptnr3_auth_seq_id 
_pdbx_struct_conn_angle.ptnr3_PDB_ins_code 
_pdbx_struct_conn_angle.ptnr3_symmetry 
_pdbx_struct_conn_angle.value 
_pdbx_struct_conn_angle.value_esd 
1  O6 ? A DG 2  ? A DG 2  ? 1_555 K ? C K . ? A K 102 ? 1_555 O6 ? A DG 3  ? A DG 3  ? 1_555 78.4  ? 
2  O6 ? A DG 2  ? A DG 2  ? 1_555 K ? C K . ? A K 102 ? 1_555 O6 ? A DG 8  ? A DG 8  ? 1_555 69.6  ? 
3  O6 ? A DG 3  ? A DG 3  ? 1_555 K ? C K . ? A K 102 ? 1_555 O6 ? A DG 8  ? A DG 8  ? 1_555 89.8  ? 
4  O6 ? A DG 2  ? A DG 2  ? 1_555 K ? C K . ? A K 102 ? 1_555 O6 ? A DG 9  ? A DG 9  ? 1_555 133.2 ? 
5  O6 ? A DG 3  ? A DG 3  ? 1_555 K ? C K . ? A K 102 ? 1_555 O6 ? A DG 9  ? A DG 9  ? 1_555 69.8  ? 
6  O6 ? A DG 8  ? A DG 8  ? 1_555 K ? C K . ? A K 102 ? 1_555 O6 ? A DG 9  ? A DG 9  ? 1_555 76.7  ? 
7  O6 ? A DG 2  ? A DG 2  ? 1_555 K ? C K . ? A K 102 ? 1_555 O6 ? A DG 14 ? A DG 14 ? 1_555 107.9 ? 
8  O6 ? A DG 3  ? A DG 3  ? 1_555 K ? C K . ? A K 102 ? 1_555 O6 ? A DG 14 ? A DG 14 ? 1_555 151.8 ? 
9  O6 ? A DG 8  ? A DG 8  ? 1_555 K ? C K . ? A K 102 ? 1_555 O6 ? A DG 14 ? A DG 14 ? 1_555 68.0  ? 
10 O6 ? A DG 9  ? A DG 9  ? 1_555 K ? C K . ? A K 102 ? 1_555 O6 ? A DG 14 ? A DG 14 ? 1_555 87.7  ? 
11 O6 ? A DG 2  ? A DG 2  ? 1_555 K ? C K . ? A K 102 ? 1_555 O6 ? A DG 15 ? A DG 15 ? 1_555 155.5 ? 
12 O6 ? A DG 3  ? A DG 3  ? 1_555 K ? C K . ? A K 102 ? 1_555 O6 ? A DG 15 ? A DG 15 ? 1_555 106.6 ? 
13 O6 ? A DG 8  ? A DG 8  ? 1_555 K ? C K . ? A K 102 ? 1_555 O6 ? A DG 15 ? A DG 15 ? 1_555 133.2 ? 
14 O6 ? A DG 9  ? A DG 9  ? 1_555 K ? C K . ? A K 102 ? 1_555 O6 ? A DG 15 ? A DG 15 ? 1_555 69.2  ? 
15 O6 ? A DG 14 ? A DG 14 ? 1_555 K ? C K . ? A K 102 ? 1_555 O6 ? A DG 15 ? A DG 15 ? 1_555 79.3  ? 
16 O6 ? A DG 2  ? A DG 2  ? 1_555 K ? C K . ? A K 102 ? 1_555 O6 ? A DG 20 ? A DG 20 ? 1_555 70.8  ? 
17 O6 ? A DG 3  ? A DG 3  ? 1_555 K ? C K . ? A K 102 ? 1_555 O6 ? A DG 20 ? A DG 20 ? 1_555 135.0 ? 
18 O6 ? A DG 8  ? A DG 8  ? 1_555 K ? C K . ? A K 102 ? 1_555 O6 ? A DG 20 ? A DG 20 ? 1_555 108.4 ? 
19 O6 ? A DG 9  ? A DG 9  ? 1_555 K ? C K . ? A K 102 ? 1_555 O6 ? A DG 20 ? A DG 20 ? 1_555 153.3 ? 
20 O6 ? A DG 14 ? A DG 14 ? 1_555 K ? C K . ? A K 102 ? 1_555 O6 ? A DG 20 ? A DG 20 ? 1_555 71.1  ? 
21 O6 ? A DG 15 ? A DG 15 ? 1_555 K ? C K . ? A K 102 ? 1_555 O6 ? A DG 20 ? A DG 20 ? 1_555 90.5  ? 
22 O6 ? A DG 2  ? A DG 2  ? 1_555 K ? C K . ? A K 102 ? 1_555 O6 ? A DG 21 ? A DG 21 ? 1_555 88.9  ? 
23 O6 ? A DG 3  ? A DG 3  ? 1_555 K ? C K . ? A K 102 ? 1_555 O6 ? A DG 21 ? A DG 21 ? 1_555 68.2  ? 
24 O6 ? A DG 8  ? A DG 8  ? 1_555 K ? C K . ? A K 102 ? 1_555 O6 ? A DG 21 ? A DG 21 ? 1_555 152.3 ? 
25 O6 ? A DG 9  ? A DG 9  ? 1_555 K ? C K . ? A K 102 ? 1_555 O6 ? A DG 21 ? A DG 21 ? 1_555 108.9 ? 
26 O6 ? A DG 14 ? A DG 14 ? 1_555 K ? C K . ? A K 102 ? 1_555 O6 ? A DG 21 ? A DG 21 ? 1_555 137.8 ? 
27 O6 ? A DG 15 ? A DG 15 ? 1_555 K ? C K . ? A K 102 ? 1_555 O6 ? A DG 21 ? A DG 21 ? 1_555 71.6  ? 
28 O6 ? A DG 20 ? A DG 20 ? 1_555 K ? C K . ? A K 102 ? 1_555 O6 ? A DG 21 ? A DG 21 ? 1_555 79.1  ? 
29 O6 ? A DG 2  ? A DG 2  ? 1_555 K ? D K . ? A K 103 ? 1_555 O6 ? A DG 2  ? A DG 2  ? 1_555 0.0   ? 
30 O6 ? A DG 2  ? A DG 2  ? 1_555 K ? D K . ? A K 103 ? 1_555 O6 ? A DG 8  ? A DG 8  ? 1_555 64.9  ? 
31 O6 ? A DG 2  ? A DG 2  ? 1_555 K ? D K . ? A K 103 ? 1_555 O6 ? A DG 8  ? A DG 8  ? 1_555 64.9  ? 
32 O6 ? A DG 2  ? A DG 2  ? 1_555 K ? D K . ? A K 103 ? 1_555 O6 ? A DG 8  ? A DG 8  ? 1_555 64.9  ? 
33 O6 ? A DG 2  ? A DG 2  ? 1_555 K ? D K . ? A K 103 ? 1_555 O6 ? A DG 8  ? A DG 8  ? 1_555 64.9  ? 
34 O6 ? A DG 8  ? A DG 8  ? 1_555 K ? D K . ? A K 103 ? 1_555 O6 ? A DG 8  ? A DG 8  ? 1_555 0.0   ? 
35 O6 ? A DG 2  ? A DG 2  ? 1_555 K ? D K . ? A K 103 ? 1_555 O6 ? A DG 14 ? A DG 14 ? 1_555 98.4  ? 
36 O6 ? A DG 2  ? A DG 2  ? 1_555 K ? D K . ? A K 103 ? 1_555 O6 ? A DG 14 ? A DG 14 ? 1_555 98.4  ? 
37 O6 ? A DG 8  ? A DG 8  ? 1_555 K ? D K . ? A K 103 ? 1_555 O6 ? A DG 14 ? A DG 14 ? 1_555 63.9  ? 
38 O6 ? A DG 8  ? A DG 8  ? 1_555 K ? D K . ? A K 103 ? 1_555 O6 ? A DG 14 ? A DG 14 ? 1_555 63.9  ? 
39 O6 ? A DG 2  ? A DG 2  ? 1_555 K ? D K . ? A K 103 ? 1_555 O6 ? A DG 14 ? A DG 14 ? 1_555 98.4  ? 
40 O6 ? A DG 2  ? A DG 2  ? 1_555 K ? D K . ? A K 103 ? 1_555 O6 ? A DG 14 ? A DG 14 ? 1_555 98.4  ? 
41 O6 ? A DG 8  ? A DG 8  ? 1_555 K ? D K . ? A K 103 ? 1_555 O6 ? A DG 14 ? A DG 14 ? 1_555 63.9  ? 
42 O6 ? A DG 8  ? A DG 8  ? 1_555 K ? D K . ? A K 103 ? 1_555 O6 ? A DG 14 ? A DG 14 ? 1_555 63.9  ? 
43 O6 ? A DG 14 ? A DG 14 ? 1_555 K ? D K . ? A K 103 ? 1_555 O6 ? A DG 14 ? A DG 14 ? 1_555 0.0   ? 
44 O6 ? A DG 2  ? A DG 2  ? 1_555 K ? D K . ? A K 103 ? 1_555 O6 ? A DG 20 ? A DG 20 ? 1_555 64.8  ? 
45 O6 ? A DG 2  ? A DG 2  ? 1_555 K ? D K . ? A K 103 ? 1_555 O6 ? A DG 20 ? A DG 20 ? 1_555 64.8  ? 
46 O6 ? A DG 8  ? A DG 8  ? 1_555 K ? D K . ? A K 103 ? 1_555 O6 ? A DG 20 ? A DG 20 ? 1_555 98.7  ? 
47 O6 ? A DG 8  ? A DG 8  ? 1_555 K ? D K . ? A K 103 ? 1_555 O6 ? A DG 20 ? A DG 20 ? 1_555 98.7  ? 
48 O6 ? A DG 14 ? A DG 14 ? 1_555 K ? D K . ? A K 103 ? 1_555 O6 ? A DG 20 ? A DG 20 ? 1_555 65.6  ? 
49 O6 ? A DG 14 ? A DG 14 ? 1_555 K ? D K . ? A K 103 ? 1_555 O6 ? A DG 20 ? A DG 20 ? 1_555 65.6  ? 
50 O6 ? A DG 2  ? A DG 2  ? 1_555 K ? D K . ? A K 103 ? 1_555 O6 ? A DG 20 ? A DG 20 ? 1_555 64.8  ? 
51 O6 ? A DG 2  ? A DG 2  ? 1_555 K ? D K . ? A K 103 ? 1_555 O6 ? A DG 20 ? A DG 20 ? 1_555 64.8  ? 
52 O6 ? A DG 8  ? A DG 8  ? 1_555 K ? D K . ? A K 103 ? 1_555 O6 ? A DG 20 ? A DG 20 ? 1_555 98.7  ? 
53 O6 ? A DG 8  ? A DG 8  ? 1_555 K ? D K . ? A K 103 ? 1_555 O6 ? A DG 20 ? A DG 20 ? 1_555 98.7  ? 
54 O6 ? A DG 14 ? A DG 14 ? 1_555 K ? D K . ? A K 103 ? 1_555 O6 ? A DG 20 ? A DG 20 ? 1_555 65.6  ? 
55 O6 ? A DG 14 ? A DG 14 ? 1_555 K ? D K . ? A K 103 ? 1_555 O6 ? A DG 20 ? A DG 20 ? 1_555 65.6  ? 
56 O6 ? A DG 20 ? A DG 20 ? 1_555 K ? D K . ? A K 103 ? 1_555 O6 ? A DG 20 ? A DG 20 ? 1_555 0.0   ? 
57 O6 ? A DG 3  ? A DG 3  ? 1_555 K ? B K . ? A K 101 ? 1_555 O6 ? A DG 4  ? A DG 4  ? 1_555 74.1  ? 
58 O6 ? A DG 3  ? A DG 3  ? 1_555 K ? B K . ? A K 101 ? 1_555 O6 ? A DG 9  ? A DG 9  ? 1_555 67.6  ? 
59 O6 ? A DG 4  ? A DG 4  ? 1_555 K ? B K . ? A K 101 ? 1_555 O6 ? A DG 9  ? A DG 9  ? 1_555 90.2  ? 
60 O6 ? A DG 3  ? A DG 3  ? 1_555 K ? B K . ? A K 101 ? 1_555 O6 ? A DG 10 ? A DG 10 ? 1_555 128.5 ? 
61 O6 ? A DG 4  ? A DG 4  ? 1_555 K ? B K . ? A K 101 ? 1_555 O6 ? A DG 10 ? A DG 10 ? 1_555 75.8  ? 
62 O6 ? A DG 9  ? A DG 9  ? 1_555 K ? B K . ? A K 101 ? 1_555 O6 ? A DG 10 ? A DG 10 ? 1_555 71.8  ? 
63 O6 ? A DG 3  ? A DG 3  ? 1_555 K ? B K . ? A K 101 ? 1_555 O6 ? A DG 15 ? A DG 15 ? 1_555 101.4 ? 
64 O6 ? A DG 4  ? A DG 4  ? 1_555 K ? B K . ? A K 101 ? 1_555 O6 ? A DG 15 ? A DG 15 ? 1_555 155.0 ? 
65 O6 ? A DG 9  ? A DG 9  ? 1_555 K ? B K . ? A K 101 ? 1_555 O6 ? A DG 15 ? A DG 15 ? 1_555 65.9  ? 
66 O6 ? A DG 10 ? A DG 10 ? 1_555 K ? B K . ? A K 101 ? 1_555 O6 ? A DG 15 ? A DG 15 ? 1_555 89.3  ? 
67 O6 ? A DG 3  ? A DG 3  ? 1_555 K ? B K . ? A K 101 ? 1_555 O6 ? A DG 16 ? A DG 16 ? 1_555 155.6 ? 
68 O6 ? A DG 4  ? A DG 4  ? 1_555 K ? B K . ? A K 101 ? 1_555 O6 ? A DG 16 ? A DG 16 ? 1_555 120.2 ? 
69 O6 ? A DG 9  ? A DG 9  ? 1_555 K ? B K . ? A K 101 ? 1_555 O6 ? A DG 16 ? A DG 16 ? 1_555 127.5 ? 
70 O6 ? A DG 10 ? A DG 10 ? 1_555 K ? B K . ? A K 101 ? 1_555 O6 ? A DG 16 ? A DG 16 ? 1_555 75.8  ? 
71 O6 ? A DG 15 ? A DG 15 ? 1_555 K ? B K . ? A K 101 ? 1_555 O6 ? A DG 16 ? A DG 16 ? 1_555 73.7  ? 
72 O6 ? A DG 3  ? A DG 3  ? 1_555 K ? B K . ? A K 101 ? 1_555 O6 ? A DG 21 ? A DG 21 ? 1_555 65.4  ? 
73 O6 ? A DG 4  ? A DG 4  ? 1_555 K ? B K . ? A K 101 ? 1_555 O6 ? A DG 21 ? A DG 21 ? 1_555 128.1 ? 
74 O6 ? A DG 9  ? A DG 9  ? 1_555 K ? B K . ? A K 101 ? 1_555 O6 ? A DG 21 ? A DG 21 ? 1_555 102.3 ? 
75 O6 ? A DG 10 ? A DG 10 ? 1_555 K ? B K . ? A K 101 ? 1_555 O6 ? A DG 21 ? A DG 21 ? 1_555 156.0 ? 
76 O6 ? A DG 15 ? A DG 15 ? 1_555 K ? B K . ? A K 101 ? 1_555 O6 ? A DG 21 ? A DG 21 ? 1_555 67.5  ? 
77 O6 ? A DG 16 ? A DG 16 ? 1_555 K ? B K . ? A K 101 ? 1_555 O6 ? A DG 21 ? A DG 21 ? 1_555 91.2  ? 
78 O6 ? A DG 3  ? A DG 3  ? 1_555 K ? B K . ? A K 101 ? 1_555 O6 ? A DG 22 ? A DG 22 ? 1_555 92.5  ? 
79 O6 ? A DG 4  ? A DG 4  ? 1_555 K ? B K . ? A K 101 ? 1_555 O6 ? A DG 22 ? A DG 22 ? 1_555 77.4  ? 
80 O6 ? A DG 9  ? A DG 9  ? 1_555 K ? B K . ? A K 101 ? 1_555 O6 ? A DG 22 ? A DG 22 ? 1_555 159.0 ? 
81 O6 ? A DG 10 ? A DG 10 ? 1_555 K ? B K . ? A K 101 ? 1_555 O6 ? A DG 22 ? A DG 22 ? 1_555 120.1 ? 
82 O6 ? A DG 15 ? A DG 15 ? 1_555 K ? B K . ? A K 101 ? 1_555 O6 ? A DG 22 ? A DG 22 ? 1_555 127.6 ? 
83 O6 ? A DG 16 ? A DG 16 ? 1_555 K ? B K . ? A K 101 ? 1_555 O6 ? A DG 22 ? A DG 22 ? 1_555 73.5  ? 
84 O6 ? A DG 21 ? A DG 21 ? 1_555 K ? B K . ? A K 101 ? 1_555 O6 ? A DG 22 ? A DG 22 ? 1_555 73.6  ? 
# 
loop_
_pdbx_validate_rmsd_bond.id 
_pdbx_validate_rmsd_bond.PDB_model_num 
_pdbx_validate_rmsd_bond.auth_atom_id_1 
_pdbx_validate_rmsd_bond.auth_asym_id_1 
_pdbx_validate_rmsd_bond.auth_comp_id_1 
_pdbx_validate_rmsd_bond.auth_seq_id_1 
_pdbx_validate_rmsd_bond.PDB_ins_code_1 
_pdbx_validate_rmsd_bond.label_alt_id_1 
_pdbx_validate_rmsd_bond.auth_atom_id_2 
_pdbx_validate_rmsd_bond.auth_asym_id_2 
_pdbx_validate_rmsd_bond.auth_comp_id_2 
_pdbx_validate_rmsd_bond.auth_seq_id_2 
_pdbx_validate_rmsd_bond.PDB_ins_code_2 
_pdbx_validate_rmsd_bond.label_alt_id_2 
_pdbx_validate_rmsd_bond.bond_value 
_pdbx_validate_rmsd_bond.bond_target_value 
_pdbx_validate_rmsd_bond.bond_deviation 
_pdbx_validate_rmsd_bond.bond_standard_deviation 
_pdbx_validate_rmsd_bond.linker_flag 
1 1 "C1'" A DT 11 ? ? N1 A DT 11 ? ? 1.572 1.488 0.084  0.013 N 
2 1 "C1'" A DT 12 ? ? N1 A DT 12 ? ? 1.274 1.468 -0.194 0.014 N 
# 
loop_
_pdbx_validate_rmsd_angle.id 
_pdbx_validate_rmsd_angle.PDB_model_num 
_pdbx_validate_rmsd_angle.auth_atom_id_1 
_pdbx_validate_rmsd_angle.auth_asym_id_1 
_pdbx_validate_rmsd_angle.auth_comp_id_1 
_pdbx_validate_rmsd_angle.auth_seq_id_1 
_pdbx_validate_rmsd_angle.PDB_ins_code_1 
_pdbx_validate_rmsd_angle.label_alt_id_1 
_pdbx_validate_rmsd_angle.auth_atom_id_2 
_pdbx_validate_rmsd_angle.auth_asym_id_2 
_pdbx_validate_rmsd_angle.auth_comp_id_2 
_pdbx_validate_rmsd_angle.auth_seq_id_2 
_pdbx_validate_rmsd_angle.PDB_ins_code_2 
_pdbx_validate_rmsd_angle.label_alt_id_2 
_pdbx_validate_rmsd_angle.auth_atom_id_3 
_pdbx_validate_rmsd_angle.auth_asym_id_3 
_pdbx_validate_rmsd_angle.auth_comp_id_3 
_pdbx_validate_rmsd_angle.auth_seq_id_3 
_pdbx_validate_rmsd_angle.PDB_ins_code_3 
_pdbx_validate_rmsd_angle.label_alt_id_3 
_pdbx_validate_rmsd_angle.angle_value 
_pdbx_validate_rmsd_angle.angle_target_value 
_pdbx_validate_rmsd_angle.angle_deviation 
_pdbx_validate_rmsd_angle.angle_standard_deviation 
_pdbx_validate_rmsd_angle.linker_flag 
1 1 N1    A DT 11 ? ? "C1'" A DT 11 ? ? "C2'" A DT 11 ? ? 134.37 114.30 20.07  1.40 N 
2 1 "O4'" A DT 11 ? ? "C1'" A DT 11 ? ? N1    A DT 11 ? ? 97.35  108.00 -10.65 0.70 N 
3 1 N1    A DT 12 ? ? "C1'" A DT 12 ? ? "C2'" A DT 12 ? ? 123.56 114.30 9.26   1.40 N 
4 1 "O4'" A DT 12 ? ? "C1'" A DT 12 ? ? N1    A DT 12 ? ? 98.56  108.00 -9.44  0.70 N 
# 
_pdbx_validate_planes.id              1 
_pdbx_validate_planes.PDB_model_num   1 
_pdbx_validate_planes.auth_comp_id    DT 
_pdbx_validate_planes.auth_asym_id    A 
_pdbx_validate_planes.auth_seq_id     11 
_pdbx_validate_planes.PDB_ins_code    ? 
_pdbx_validate_planes.label_alt_id    ? 
_pdbx_validate_planes.rmsd            0.058 
_pdbx_validate_planes.type            'SIDE CHAIN' 
# 
_pdbx_struct_special_symmetry.id              1 
_pdbx_struct_special_symmetry.PDB_model_num   1 
_pdbx_struct_special_symmetry.auth_asym_id    A 
_pdbx_struct_special_symmetry.auth_comp_id    K 
_pdbx_struct_special_symmetry.auth_seq_id     103 
_pdbx_struct_special_symmetry.PDB_ins_code    ? 
_pdbx_struct_special_symmetry.label_asym_id   D 
_pdbx_struct_special_symmetry.label_comp_id   K 
_pdbx_struct_special_symmetry.label_seq_id    . 
# 
_pdbx_entry_details.entry_id                 7PNL 
_pdbx_entry_details.nonpolymer_details       ? 
_pdbx_entry_details.sequence_details         ? 
_pdbx_entry_details.compound_details         ? 
_pdbx_entry_details.source_details           ? 
_pdbx_entry_details.has_ligand_of_interest   Y 
# 
loop_
_chem_comp_atom.comp_id 
_chem_comp_atom.atom_id 
_chem_comp_atom.type_symbol 
_chem_comp_atom.pdbx_aromatic_flag 
_chem_comp_atom.pdbx_stereo_config 
_chem_comp_atom.pdbx_ordinal 
7VE C4     C Y N 1   
7VE C3     C Y N 2   
7VE C1     C Y N 3   
7VE C2     C Y N 4   
7VE O1     O N N 5   
7VE C5     C Y N 6   
7VE O2     O N N 7   
7VE C6     C Y N 8   
7VE C7     C Y N 9   
7VE N1     N Y N 10  
7VE C8     C Y N 11  
7VE C9     C Y N 12  
7VE C10    C N N 13  
7VE C11    C N N 14  
7VE C12    C Y N 15  
7VE C13    C Y N 16  
7VE C14    C Y N 17  
7VE C15    C Y N 18  
7VE C16    C Y N 19  
7VE C17    C Y N 20  
7VE C18    C N N 21  
7VE O3     O N N 22  
7VE O4     O N N 23  
7VE C19    C N N 24  
7VE C20    C N N 25  
7VE C21    C N N 26  
7VE C22    C N N 27  
7VE N2     N Y N 28  
7VE N3     N Y N 29  
7VE N4     N Y N 30  
7VE C23    C Y N 31  
7VE C24    C Y N 32  
7VE C25    C N N 33  
7VE O5     O N N 34  
7VE C26    C Y N 35  
7VE C27    C Y N 36  
7VE C28    C Y N 37  
7VE C29    C Y N 38  
7VE C30    C Y N 39  
7VE C31    C Y N 40  
7VE S1     S N N 41  
7VE O6     O N N 42  
7VE O7     O N N 43  
7VE N5     N N N 44  
7VE H1     H N N 45  
7VE H2     H N N 46  
7VE H3     H N N 47  
7VE H4     H N N 48  
7VE H5     H N N 49  
7VE H6     H N N 50  
7VE H7     H N N 51  
7VE H8     H N N 52  
7VE H9     H N N 53  
7VE H10    H N N 54  
7VE H11    H N N 55  
7VE H12    H N N 56  
7VE H13    H N N 57  
7VE H14    H N N 58  
7VE H15    H N N 59  
7VE H16    H N N 60  
7VE H17    H N N 61  
7VE H18    H N N 62  
7VE H19    H N N 63  
7VE H20    H N N 64  
7VE H21    H N N 65  
7VE H22    H N N 66  
7VE H23    H N N 67  
7VE H24    H N N 68  
7VE H25    H N N 69  
7VE H26    H N N 70  
7VE H27    H N N 71  
7VE H28    H N N 72  
7VE H29    H N N 73  
7VE H30    H N N 74  
DA  OP3    O N N 75  
DA  P      P N N 76  
DA  OP1    O N N 77  
DA  OP2    O N N 78  
DA  "O5'"  O N N 79  
DA  "C5'"  C N N 80  
DA  "C4'"  C N R 81  
DA  "O4'"  O N N 82  
DA  "C3'"  C N S 83  
DA  "O3'"  O N N 84  
DA  "C2'"  C N N 85  
DA  "C1'"  C N R 86  
DA  N9     N Y N 87  
DA  C8     C Y N 88  
DA  N7     N Y N 89  
DA  C5     C Y N 90  
DA  C6     C Y N 91  
DA  N6     N N N 92  
DA  N1     N Y N 93  
DA  C2     C Y N 94  
DA  N3     N Y N 95  
DA  C4     C Y N 96  
DA  HOP3   H N N 97  
DA  HOP2   H N N 98  
DA  "H5'"  H N N 99  
DA  "H5''" H N N 100 
DA  "H4'"  H N N 101 
DA  "H3'"  H N N 102 
DA  "HO3'" H N N 103 
DA  "H2'"  H N N 104 
DA  "H2''" H N N 105 
DA  "H1'"  H N N 106 
DA  H8     H N N 107 
DA  H61    H N N 108 
DA  H62    H N N 109 
DA  H2     H N N 110 
DG  OP3    O N N 111 
DG  P      P N N 112 
DG  OP1    O N N 113 
DG  OP2    O N N 114 
DG  "O5'"  O N N 115 
DG  "C5'"  C N N 116 
DG  "C4'"  C N R 117 
DG  "O4'"  O N N 118 
DG  "C3'"  C N S 119 
DG  "O3'"  O N N 120 
DG  "C2'"  C N N 121 
DG  "C1'"  C N R 122 
DG  N9     N Y N 123 
DG  C8     C Y N 124 
DG  N7     N Y N 125 
DG  C5     C Y N 126 
DG  C6     C N N 127 
DG  O6     O N N 128 
DG  N1     N N N 129 
DG  C2     C N N 130 
DG  N2     N N N 131 
DG  N3     N N N 132 
DG  C4     C Y N 133 
DG  HOP3   H N N 134 
DG  HOP2   H N N 135 
DG  "H5'"  H N N 136 
DG  "H5''" H N N 137 
DG  "H4'"  H N N 138 
DG  "H3'"  H N N 139 
DG  "HO3'" H N N 140 
DG  "H2'"  H N N 141 
DG  "H2''" H N N 142 
DG  "H1'"  H N N 143 
DG  H8     H N N 144 
DG  H1     H N N 145 
DG  H21    H N N 146 
DG  H22    H N N 147 
DT  OP3    O N N 148 
DT  P      P N N 149 
DT  OP1    O N N 150 
DT  OP2    O N N 151 
DT  "O5'"  O N N 152 
DT  "C5'"  C N N 153 
DT  "C4'"  C N R 154 
DT  "O4'"  O N N 155 
DT  "C3'"  C N S 156 
DT  "O3'"  O N N 157 
DT  "C2'"  C N N 158 
DT  "C1'"  C N R 159 
DT  N1     N N N 160 
DT  C2     C N N 161 
DT  O2     O N N 162 
DT  N3     N N N 163 
DT  C4     C N N 164 
DT  O4     O N N 165 
DT  C5     C N N 166 
DT  C7     C N N 167 
DT  C6     C N N 168 
DT  HOP3   H N N 169 
DT  HOP2   H N N 170 
DT  "H5'"  H N N 171 
DT  "H5''" H N N 172 
DT  "H4'"  H N N 173 
DT  "H3'"  H N N 174 
DT  "HO3'" H N N 175 
DT  "H2'"  H N N 176 
DT  "H2''" H N N 177 
DT  "H1'"  H N N 178 
DT  H3     H N N 179 
DT  H71    H N N 180 
DT  H72    H N N 181 
DT  H73    H N N 182 
DT  H6     H N N 183 
HOH O      O N N 184 
HOH H1     H N N 185 
HOH H2     H N N 186 
K   K      K N N 187 
# 
loop_
_chem_comp_bond.comp_id 
_chem_comp_bond.atom_id_1 
_chem_comp_bond.atom_id_2 
_chem_comp_bond.value_order 
_chem_comp_bond.pdbx_aromatic_flag 
_chem_comp_bond.pdbx_stereo_config 
_chem_comp_bond.pdbx_ordinal 
7VE O7    S1     doub N N 1   
7VE O6    S1     doub N N 2   
7VE O1    C18    sing N N 3   
7VE O1    C16    sing N N 4   
7VE O3    C1     sing N N 5   
7VE O3    C20    sing N N 6   
7VE N3    N4     doub Y N 7   
7VE N3    N2     sing Y N 8   
7VE N4    C23    sing Y N 9   
7VE S1    C29    sing N N 10  
7VE S1    N5     sing N N 11  
7VE C18   O2     sing N N 12  
7VE C4    C5     doub Y N 13  
7VE C4    C3     sing Y N 14  
7VE C5    C6     sing Y N 15  
7VE C19   O4     sing N N 16  
7VE O5    C26    sing N N 17  
7VE O5    C25    sing N N 18  
7VE C16   C17    doub Y N 19  
7VE C16   C15    sing Y N 20  
7VE C30   C31    doub Y N 21  
7VE C30   C29    sing Y N 22  
7VE C31   C26    sing Y N 23  
7VE C6    C1     doub Y N 24  
7VE C6    O4     sing N N 25  
7VE C29   C28    doub Y N 26  
7VE C3    C9     sing Y N 27  
7VE C3    C2     doub Y N 28  
7VE C17   C13    sing Y N 29  
7VE C23   C25    sing N N 30  
7VE C23   C24    doub Y N 31  
7VE C26   C27    doub Y N 32  
7VE C1    C2     sing Y N 33  
7VE N2    C24    sing Y N 34  
7VE N2    C22    sing N N 35  
7VE C28   C27    sing Y N 36  
7VE C9    C8     doub Y N 37  
7VE C2    C7     sing Y N 38  
7VE O2    C15    sing N N 39  
7VE C15   C14    doub Y N 40  
7VE C20   C21    sing N N 41  
7VE C22   C21    sing N N 42  
7VE C8    C13    sing N N 43  
7VE C13   C12    doub Y N 44  
7VE C14   C12    sing Y N 45  
7VE C7    N1     doub Y N 46  
7VE N1    C10    sing N N 47  
7VE C10   C11    sing N N 48  
7VE C12   C11    sing N N 49  
7VE C4    H1     sing N N 50  
7VE C5    H2     sing N N 51  
7VE C7    H3     sing N N 52  
7VE C9    H4     sing N N 53  
7VE C10   H5     sing N N 54  
7VE C10   H6     sing N N 55  
7VE C11   H7     sing N N 56  
7VE C11   H8     sing N N 57  
7VE C14   H9     sing N N 58  
7VE C17   H10    sing N N 59  
7VE C18   H11    sing N N 60  
7VE C19   H12    sing N N 61  
7VE C19   H13    sing N N 62  
7VE C19   H14    sing N N 63  
7VE C20   H15    sing N N 64  
7VE C20   H16    sing N N 65  
7VE C21   H17    sing N N 66  
7VE C21   H18    sing N N 67  
7VE C22   H19    sing N N 68  
7VE C22   H20    sing N N 69  
7VE C24   H21    sing N N 70  
7VE C25   H22    sing N N 71  
7VE C25   H23    sing N N 72  
7VE C27   H24    sing N N 73  
7VE C28   H25    sing N N 74  
7VE C30   H26    sing N N 75  
7VE C31   H27    sing N N 76  
7VE N5    H28    sing N N 77  
7VE N5    H29    sing N N 78  
7VE C8    N1     sing Y N 79  
7VE C18   H30    sing N N 80  
DA  OP3   P      sing N N 81  
DA  OP3   HOP3   sing N N 82  
DA  P     OP1    doub N N 83  
DA  P     OP2    sing N N 84  
DA  P     "O5'"  sing N N 85  
DA  OP2   HOP2   sing N N 86  
DA  "O5'" "C5'"  sing N N 87  
DA  "C5'" "C4'"  sing N N 88  
DA  "C5'" "H5'"  sing N N 89  
DA  "C5'" "H5''" sing N N 90  
DA  "C4'" "O4'"  sing N N 91  
DA  "C4'" "C3'"  sing N N 92  
DA  "C4'" "H4'"  sing N N 93  
DA  "O4'" "C1'"  sing N N 94  
DA  "C3'" "O3'"  sing N N 95  
DA  "C3'" "C2'"  sing N N 96  
DA  "C3'" "H3'"  sing N N 97  
DA  "O3'" "HO3'" sing N N 98  
DA  "C2'" "C1'"  sing N N 99  
DA  "C2'" "H2'"  sing N N 100 
DA  "C2'" "H2''" sing N N 101 
DA  "C1'" N9     sing N N 102 
DA  "C1'" "H1'"  sing N N 103 
DA  N9    C8     sing Y N 104 
DA  N9    C4     sing Y N 105 
DA  C8    N7     doub Y N 106 
DA  C8    H8     sing N N 107 
DA  N7    C5     sing Y N 108 
DA  C5    C6     sing Y N 109 
DA  C5    C4     doub Y N 110 
DA  C6    N6     sing N N 111 
DA  C6    N1     doub Y N 112 
DA  N6    H61    sing N N 113 
DA  N6    H62    sing N N 114 
DA  N1    C2     sing Y N 115 
DA  C2    N3     doub Y N 116 
DA  C2    H2     sing N N 117 
DA  N3    C4     sing Y N 118 
DG  OP3   P      sing N N 119 
DG  OP3   HOP3   sing N N 120 
DG  P     OP1    doub N N 121 
DG  P     OP2    sing N N 122 
DG  P     "O5'"  sing N N 123 
DG  OP2   HOP2   sing N N 124 
DG  "O5'" "C5'"  sing N N 125 
DG  "C5'" "C4'"  sing N N 126 
DG  "C5'" "H5'"  sing N N 127 
DG  "C5'" "H5''" sing N N 128 
DG  "C4'" "O4'"  sing N N 129 
DG  "C4'" "C3'"  sing N N 130 
DG  "C4'" "H4'"  sing N N 131 
DG  "O4'" "C1'"  sing N N 132 
DG  "C3'" "O3'"  sing N N 133 
DG  "C3'" "C2'"  sing N N 134 
DG  "C3'" "H3'"  sing N N 135 
DG  "O3'" "HO3'" sing N N 136 
DG  "C2'" "C1'"  sing N N 137 
DG  "C2'" "H2'"  sing N N 138 
DG  "C2'" "H2''" sing N N 139 
DG  "C1'" N9     sing N N 140 
DG  "C1'" "H1'"  sing N N 141 
DG  N9    C8     sing Y N 142 
DG  N9    C4     sing Y N 143 
DG  C8    N7     doub Y N 144 
DG  C8    H8     sing N N 145 
DG  N7    C5     sing Y N 146 
DG  C5    C6     sing N N 147 
DG  C5    C4     doub Y N 148 
DG  C6    O6     doub N N 149 
DG  C6    N1     sing N N 150 
DG  N1    C2     sing N N 151 
DG  N1    H1     sing N N 152 
DG  C2    N2     sing N N 153 
DG  C2    N3     doub N N 154 
DG  N2    H21    sing N N 155 
DG  N2    H22    sing N N 156 
DG  N3    C4     sing N N 157 
DT  OP3   P      sing N N 158 
DT  OP3   HOP3   sing N N 159 
DT  P     OP1    doub N N 160 
DT  P     OP2    sing N N 161 
DT  P     "O5'"  sing N N 162 
DT  OP2   HOP2   sing N N 163 
DT  "O5'" "C5'"  sing N N 164 
DT  "C5'" "C4'"  sing N N 165 
DT  "C5'" "H5'"  sing N N 166 
DT  "C5'" "H5''" sing N N 167 
DT  "C4'" "O4'"  sing N N 168 
DT  "C4'" "C3'"  sing N N 169 
DT  "C4'" "H4'"  sing N N 170 
DT  "O4'" "C1'"  sing N N 171 
DT  "C3'" "O3'"  sing N N 172 
DT  "C3'" "C2'"  sing N N 173 
DT  "C3'" "H3'"  sing N N 174 
DT  "O3'" "HO3'" sing N N 175 
DT  "C2'" "C1'"  sing N N 176 
DT  "C2'" "H2'"  sing N N 177 
DT  "C2'" "H2''" sing N N 178 
DT  "C1'" N1     sing N N 179 
DT  "C1'" "H1'"  sing N N 180 
DT  N1    C2     sing N N 181 
DT  N1    C6     sing N N 182 
DT  C2    O2     doub N N 183 
DT  C2    N3     sing N N 184 
DT  N3    C4     sing N N 185 
DT  N3    H3     sing N N 186 
DT  C4    O4     doub N N 187 
DT  C4    C5     sing N N 188 
DT  C5    C7     sing N N 189 
DT  C5    C6     doub N N 190 
DT  C7    H71    sing N N 191 
DT  C7    H72    sing N N 192 
DT  C7    H73    sing N N 193 
DT  C6    H6     sing N N 194 
HOH O     H1     sing N N 195 
HOH O     H2     sing N N 196 
# 
loop_
_ndb_struct_conf_na.entry_id 
_ndb_struct_conf_na.feature 
7PNL 'double helix'    
7PNL 'quadruple helix' 
# 
_ndb_struct_na_base_pair.model_number      1 
_ndb_struct_na_base_pair.i_label_asym_id   A 
_ndb_struct_na_base_pair.i_label_comp_id   DG 
_ndb_struct_na_base_pair.i_label_seq_id    2 
_ndb_struct_na_base_pair.i_symmetry        1_555 
_ndb_struct_na_base_pair.j_label_asym_id   A 
_ndb_struct_na_base_pair.j_label_comp_id   DG 
_ndb_struct_na_base_pair.j_label_seq_id    20 
_ndb_struct_na_base_pair.j_symmetry        1_555 
_ndb_struct_na_base_pair.shear             -1.500 
_ndb_struct_na_base_pair.stretch           -3.531 
_ndb_struct_na_base_pair.stagger           0.023 
_ndb_struct_na_base_pair.buckle            3.064 
_ndb_struct_na_base_pair.propeller         1.791 
_ndb_struct_na_base_pair.opening           90.510 
_ndb_struct_na_base_pair.pair_number       1 
_ndb_struct_na_base_pair.pair_name         A_DG2:DG20_A 
_ndb_struct_na_base_pair.i_auth_asym_id    A 
_ndb_struct_na_base_pair.i_auth_seq_id     2 
_ndb_struct_na_base_pair.i_PDB_ins_code    ? 
_ndb_struct_na_base_pair.j_auth_asym_id    A 
_ndb_struct_na_base_pair.j_auth_seq_id     20 
_ndb_struct_na_base_pair.j_PDB_ins_code    ? 
_ndb_struct_na_base_pair.hbond_type_28     6 
_ndb_struct_na_base_pair.hbond_type_12     3 
# 
loop_
_pdbx_audit_support.funding_organization 
_pdbx_audit_support.country 
_pdbx_audit_support.grant_number 
_pdbx_audit_support.ordinal 
'Other government' ? FFARB2018                   1 
'Other government' ? CARLABAZZICALUPIRICATEN2020 2 
# 
_pdbx_entity_instance_feature.ordinal        1 
_pdbx_entity_instance_feature.comp_id        7VE 
_pdbx_entity_instance_feature.asym_id        ? 
_pdbx_entity_instance_feature.seq_num        ? 
_pdbx_entity_instance_feature.auth_comp_id   7VE 
_pdbx_entity_instance_feature.auth_asym_id   ? 
_pdbx_entity_instance_feature.auth_seq_num   ? 
_pdbx_entity_instance_feature.feature_type   'SUBJECT OF INVESTIGATION' 
_pdbx_entity_instance_feature.details        ? 
# 
_pdbx_initial_refinement_model.id               1 
_pdbx_initial_refinement_model.entity_id_list   ? 
_pdbx_initial_refinement_model.type             'experimental model' 
_pdbx_initial_refinement_model.source_name      PDB 
_pdbx_initial_refinement_model.accession_code   6H5R 
_pdbx_initial_refinement_model.details          ? 
# 
_atom_sites.entry_id                    7PNL 
_atom_sites.Cartn_transf_matrix[1][1]   ? 
_atom_sites.Cartn_transf_matrix[1][2]   ? 
_atom_sites.Cartn_transf_matrix[1][3]   ? 
_atom_sites.Cartn_transf_matrix[2][1]   ? 
_atom_sites.Cartn_transf_matrix[2][2]   ? 
_atom_sites.Cartn_transf_matrix[2][3]   ? 
_atom_sites.Cartn_transf_matrix[3][1]   ? 
_atom_sites.Cartn_transf_matrix[3][2]   ? 
_atom_sites.Cartn_transf_matrix[3][3]   ? 
_atom_sites.Cartn_transf_vector[1]      ? 
_atom_sites.Cartn_transf_vector[2]      ? 
_atom_sites.Cartn_transf_vector[3]      ? 
_atom_sites.fract_transf_matrix[1][1]   0.00477608 
_atom_sites.fract_transf_matrix[1][2]   -0.00288233 
_atom_sites.fract_transf_matrix[1][3]   -0.02656362 
_atom_sites.fract_transf_matrix[2][1]   0.00172443 
_atom_sites.fract_transf_matrix[2][2]   -0.01352713 
_atom_sites.fract_transf_matrix[2][3]   0.00177783 
_atom_sites.fract_transf_matrix[3][1]   -0.03611344 
_atom_sites.fract_transf_matrix[3][2]   -0.00538904 
_atom_sites.fract_transf_matrix[3][3]   -0.00597523 
_atom_sites.fract_transf_vector[1]      -0.019131 
_atom_sites.fract_transf_vector[2]      -0.005229 
_atom_sites.fract_transf_vector[3]      0.221355 
_atom_sites.solution_primary            ? 
_atom_sites.solution_secondary          ? 
_atom_sites.solution_hydrogens          ? 
_atom_sites.special_details             ? 
# 
loop_
_atom_type.symbol 
C 
H 
K 
N 
O 
P 
S 
# 
loop_
_atom_site.group_PDB 
_atom_site.id 
_atom_site.type_symbol 
_atom_site.label_atom_id 
_atom_site.label_alt_id 
_atom_site.label_comp_id 
_atom_site.label_asym_id 
_atom_site.label_entity_id 
_atom_site.label_seq_id 
_atom_site.pdbx_PDB_ins_code 
_atom_site.Cartn_x 
_atom_site.Cartn_y 
_atom_site.Cartn_z 
_atom_site.occupancy 
_atom_site.B_iso_or_equiv 
_atom_site.pdbx_formal_charge 
_atom_site.auth_seq_id 
_atom_site.auth_comp_id 
_atom_site.auth_asym_id 
_atom_site.auth_atom_id 
_atom_site.pdbx_PDB_model_num 
ATOM   1   O "O5'" . DA  A 1 1  ? 1.400  -6.270  -11.908 1.00 95.13  ? 1   DA  A "O5'" 1 
ATOM   2   C "C5'" . DA  A 1 1  ? 0.525  -5.186  -12.280 1.00 110.05 ? 1   DA  A "C5'" 1 
ATOM   3   C "C4'" . DA  A 1 1  ? -0.612 -5.687  -13.144 1.00 121.40 ? 1   DA  A "C4'" 1 
ATOM   4   O "O4'" . DA  A 1 1  ? -0.342 -5.395  -14.537 1.00 136.04 ? 1   DA  A "O4'" 1 
ATOM   5   C "C3'" . DA  A 1 1  ? -0.890 -7.193  -13.059 1.00 117.61 ? 1   DA  A "C3'" 1 
ATOM   6   O "O3'" . DA  A 1 1  ? -2.141 -7.477  -12.412 1.00 103.42 ? 1   DA  A "O3'" 1 
ATOM   7   C "C2'" . DA  A 1 1  ? -0.904 -7.656  -14.510 1.00 129.15 ? 1   DA  A "C2'" 1 
ATOM   8   C "C1'" . DA  A 1 1  ? -0.075 -6.600  -15.232 1.00 138.26 ? 1   DA  A "C1'" 1 
ATOM   9   N N9    . DA  A 1 1  ? 1.387  -6.778  -15.274 1.00 138.83 ? 1   DA  A N9    1 
ATOM   10  C C8    . DA  A 1 1  ? 2.291  -5.803  -15.628 1.00 125.17 ? 1   DA  A C8    1 
ATOM   11  N N7    . DA  A 1 1  ? 3.541  -6.196  -15.577 1.00 122.96 ? 1   DA  A N7    1 
ATOM   12  C C5    . DA  A 1 1  ? 3.458  -7.520  -15.165 1.00 127.34 ? 1   DA  A C5    1 
ATOM   13  C C6    . DA  A 1 1  ? 4.443  -8.501  -14.922 1.00 125.48 ? 1   DA  A C6    1 
ATOM   14  N N6    . DA  A 1 1  ? 5.754  -8.289  -15.066 1.00 126.67 ? 1   DA  A N6    1 
ATOM   15  N N1    . DA  A 1 1  ? 4.026  -9.724  -14.522 1.00 114.84 ? 1   DA  A N1    1 
ATOM   16  C C2    . DA  A 1 1  ? 2.711  -9.938  -14.381 1.00 118.69 ? 1   DA  A C2    1 
ATOM   17  N N3    . DA  A 1 1  ? 1.692  -9.101  -14.584 1.00 119.44 ? 1   DA  A N3    1 
ATOM   18  C C4    . DA  A 1 1  ? 2.137  -7.893  -14.976 1.00 128.36 ? 1   DA  A C4    1 
ATOM   19  P P     . DG  A 1 2  ? -2.315 -7.323  -10.787 1.00 95.33  ? 2   DG  A P     1 
ATOM   20  O OP1   . DG  A 1 2  ? -0.980 -7.231  -10.121 1.00 76.47  ? 2   DG  A OP1   1 
ATOM   21  O OP2   . DG  A 1 2  ? -3.335 -8.316  -10.319 1.00 102.79 ? 2   DG  A OP2   1 
ATOM   22  O "O5'" . DG  A 1 2  ? -2.982 -5.893  -10.636 1.00 71.54  ? 2   DG  A "O5'" 1 
ATOM   23  C "C5'" . DG  A 1 2  ? -4.002 -5.477  -11.537 1.00 58.01  ? 2   DG  A "C5'" 1 
ATOM   24  C "C4'" . DG  A 1 2  ? -4.160 -3.991  -11.370 1.00 56.31  ? 2   DG  A "C4'" 1 
ATOM   25  O "O4'" . DG  A 1 2  ? -4.762 -3.720  -10.078 1.00 52.35  ? 2   DG  A "O4'" 1 
ATOM   26  C "C3'" . DG  A 1 2  ? -2.848 -3.218  -11.401 1.00 51.59  ? 2   DG  A "C3'" 1 
ATOM   27  O "O3'" . DG  A 1 2  ? -3.176 -2.026  -12.097 1.00 53.66  ? 2   DG  A "O3'" 1 
ATOM   28  C "C2'" . DG  A 1 2  ? -2.594 -2.849  -9.944  1.00 46.74  ? 2   DG  A "C2'" 1 
ATOM   29  C "C1'" . DG  A 1 2  ? -4.008 -2.725  -9.422  1.00 44.23  ? 2   DG  A "C1'" 1 
ATOM   30  N N9    . DG  A 1 2  ? -4.155 -2.940  -7.992  1.00 36.33  ? 2   DG  A N9    1 
ATOM   31  C C8    . DG  A 1 2  ? -4.074 -4.109  -7.272  1.00 33.61  ? 2   DG  A C8    1 
ATOM   32  N N7    . DG  A 1 2  ? -4.319 -3.941  -5.995  1.00 39.52  ? 2   DG  A N7    1 
ATOM   33  C C5    . DG  A 1 2  ? -4.598 -2.582  -5.877  1.00 33.44  ? 2   DG  A C5    1 
ATOM   34  C C6    . DG  A 1 2  ? -4.931 -1.805  -4.737  1.00 31.85  ? 2   DG  A C6    1 
ATOM   35  O O6    . DG  A 1 2  ? -5.050 -2.174  -3.567  1.00 33.49  ? 2   DG  A O6    1 
ATOM   36  N N1    . DG  A 1 2  ? -5.117 -0.470  -5.062  1.00 32.20  ? 2   DG  A N1    1 
ATOM   37  C C2    . DG  A 1 2  ? -5.005 0.057   -6.341  1.00 35.23  ? 2   DG  A C2    1 
ATOM   38  N N2    . DG  A 1 2  ? -5.273 1.353   -6.483  1.00 28.76  ? 2   DG  A N2    1 
ATOM   39  N N3    . DG  A 1 2  ? -4.728 -0.661  -7.409  1.00 31.31  ? 2   DG  A N3    1 
ATOM   40  C C4    . DG  A 1 2  ? -4.520 -1.958  -7.105  1.00 33.08  ? 2   DG  A C4    1 
ATOM   41  P P     . DG  A 1 3  ? -2.027 -1.046  -12.520 1.00 64.66  ? 3   DG  A P     1 
ATOM   42  O OP1   . DG  A 1 3  ? -2.460 -0.389  -13.795 1.00 78.07  ? 3   DG  A OP1   1 
ATOM   43  O OP2   . DG  A 1 3  ? -0.755 -1.784  -12.418 1.00 57.85  ? 3   DG  A OP2   1 
ATOM   44  O "O5'" . DG  A 1 3  ? -1.970 0.094   -11.416 1.00 56.42  ? 3   DG  A "O5'" 1 
ATOM   45  C "C5'" . DG  A 1 3  ? -2.477 1.378   -11.758 1.00 67.15  ? 3   DG  A "C5'" 1 
ATOM   46  C "C4'" . DG  A 1 3  ? -2.231 2.396   -10.671 1.00 63.31  ? 3   DG  A "C4'" 1 
ATOM   47  O "O4'" . DG  A 1 3  ? -2.565 1.885   -9.363  1.00 57.31  ? 3   DG  A "O4'" 1 
ATOM   48  C "C3'" . DG  A 1 3  ? -0.810 2.949   -10.579 1.00 63.54  ? 3   DG  A "C3'" 1 
ATOM   49  O "O3'" . DG  A 1 3  ? -1.083 4.353   -10.693 1.00 61.98  ? 3   DG  A "O3'" 1 
ATOM   50  C "C2'" . DG  A 1 3  ? -0.334 2.546   -9.183  1.00 49.54  ? 3   DG  A "C2'" 1 
ATOM   51  C "C1'" . DG  A 1 3  ? -1.643 2.407   -8.411  1.00 47.91  ? 3   DG  A "C1'" 1 
ATOM   52  N N9    . DG  A 1 3  ? -1.619 1.461   -7.294  1.00 36.04  ? 3   DG  A N9    1 
ATOM   53  C C8    . DG  A 1 3  ? -1.372 0.115   -7.370  1.00 37.07  ? 3   DG  A C8    1 
ATOM   54  N N7    . DG  A 1 3  ? -1.437 -0.483  -6.217  1.00 36.02  ? 3   DG  A N7    1 
ATOM   55  C C5    . DG  A 1 3  ? -1.780 0.527   -5.332  1.00 33.26  ? 3   DG  A C5    1 
ATOM   56  C C6    . DG  A 1 3  ? -2.019 0.480   -3.941  1.00 32.90  ? 3   DG  A C6    1 
ATOM   57  O O6    . DG  A 1 3  ? -2.005 -0.511  -3.194  1.00 35.49  ? 3   DG  A O6    1 
ATOM   58  N N1    . DG  A 1 3  ? -2.324 1.740   -3.431  1.00 34.23  ? 3   DG  A N1    1 
ATOM   59  C C2    . DG  A 1 3  ? -2.412 2.898   -4.181  1.00 35.89  ? 3   DG  A C2    1 
ATOM   60  N N2    . DG  A 1 3  ? -2.729 4.035   -3.534  1.00 36.36  ? 3   DG  A N2    1 
ATOM   61  N N3    . DG  A 1 3  ? -2.187 2.945   -5.471  1.00 33.85  ? 3   DG  A N3    1 
ATOM   62  C C4    . DG  A 1 3  ? -1.908 1.729   -5.987  1.00 31.98  ? 3   DG  A C4    1 
ATOM   63  P P     . DG  A 1 4  ? 0.100  5.382   -10.878 1.00 62.80  ? 4   DG  A P     1 
ATOM   64  O OP1   . DG  A 1 4  ? -0.430 6.582   -11.569 1.00 66.89  ? 4   DG  A OP1   1 
ATOM   65  O OP2   . DG  A 1 4  ? 1.291  4.647   -11.357 1.00 59.15  ? 4   DG  A OP2   1 
ATOM   66  O "O5'" . DG  A 1 4  ? 0.411  5.853   -9.392  1.00 56.12  ? 4   DG  A "O5'" 1 
ATOM   67  C "C5'" . DG  A 1 4  ? -0.463 6.766   -8.735  1.00 44.83  ? 4   DG  A "C5'" 1 
ATOM   68  C "C4'" . DG  A 1 4  ? 0.211  7.119   -7.440  1.00 42.66  ? 4   DG  A "C4'" 1 
ATOM   69  O "O4'" . DG  A 1 4  ? 0.064  5.987   -6.559  1.00 40.80  ? 4   DG  A "O4'" 1 
ATOM   70  C "C3'" . DG  A 1 4  ? 1.715  7.389   -7.527  1.00 41.97  ? 4   DG  A "C3'" 1 
ATOM   71  O "O3'" . DG  A 1 4  ? 1.844  8.585   -6.758  1.00 48.07  ? 4   DG  A "O3'" 1 
ATOM   72  C "C2'" . DG  A 1 4  ? 2.366  6.234   -6.763  1.00 38.86  ? 4   DG  A "C2'" 1 
ATOM   73  C "C1'" . DG  A 1 4  ? 1.246  5.875   -5.795  1.00 41.30  ? 4   DG  A "C1'" 1 
ATOM   74  N N9    . DG  A 1 4  ? 1.266  4.528   -5.241  1.00 37.97  ? 4   DG  A N9    1 
ATOM   75  C C8    . DG  A 1 4  ? 1.415  3.346   -5.924  1.00 34.77  ? 4   DG  A C8    1 
ATOM   76  N N7    . DG  A 1 4  ? 1.349  2.298   -5.148  1.00 42.77  ? 4   DG  A N7    1 
ATOM   77  C C5    . DG  A 1 4  ? 1.073  2.824   -3.887  1.00 34.62  ? 4   DG  A C5    1 
ATOM   78  C C6    . DG  A 1 4  ? 0.829  2.169   -2.650  1.00 38.52  ? 4   DG  A C6    1 
ATOM   79  O O6    . DG  A 1 4  ? 0.847  0.963   -2.412  1.00 35.02  ? 4   DG  A O6    1 
ATOM   80  N N1    . DG  A 1 4  ? 0.543  3.077   -1.631  1.00 32.19  ? 4   DG  A N1    1 
ATOM   81  C C2    . DG  A 1 4  ? 0.517  4.450   -1.784  1.00 33.40  ? 4   DG  A C2    1 
ATOM   82  N N2    . DG  A 1 4  ? 0.267  5.184   -0.680  1.00 33.35  ? 4   DG  A N2    1 
ATOM   83  N N3    . DG  A 1 4  ? 0.714  5.061   -2.936  1.00 34.47  ? 4   DG  A N3    1 
ATOM   84  C C4    . DG  A 1 4  ? 0.994  4.194   -3.936  1.00 32.02  ? 4   DG  A C4    1 
ATOM   85  P P     . DT  A 1 5  ? 2.927  9.690   -7.157  1.00 53.33  ? 5   DT  A P     1 
ATOM   86  O OP1   . DT  A 1 5  ? 2.676  10.119  -8.565  1.00 70.16  ? 5   DT  A OP1   1 
ATOM   87  O OP2   . DT  A 1 5  ? 4.272  9.248   -6.729  1.00 48.91  ? 5   DT  A OP2   1 
ATOM   88  O "O5'" . DT  A 1 5  ? 2.544  10.869  -6.164  1.00 47.51  ? 5   DT  A "O5'" 1 
ATOM   89  C "C5'" . DT  A 1 5  ? 1.349  11.619  -6.299  1.00 49.80  ? 5   DT  A "C5'" 1 
ATOM   90  C "C4'" . DT  A 1 5  ? 1.423  12.813  -5.380  1.00 52.88  ? 5   DT  A "C4'" 1 
ATOM   91  O "O4'" . DT  A 1 5  ? 1.238  12.379  -4.018  1.00 54.96  ? 5   DT  A "O4'" 1 
ATOM   92  C "C3'" . DT  A 1 5  ? 2.747  13.580  -5.415  1.00 57.25  ? 5   DT  A "C3'" 1 
ATOM   93  O "O3'" . DT  A 1 5  ? 2.437  14.954  -5.198  1.00 76.73  ? 5   DT  A "O3'" 1 
ATOM   94  C "C2'" . DT  A 1 5  ? 3.483  13.092  -4.183  1.00 57.46  ? 5   DT  A "C2'" 1 
ATOM   95  C "C1'" . DT  A 1 5  ? 2.353  12.743  -3.219  1.00 57.56  ? 5   DT  A "C1'" 1 
ATOM   96  N N1    . DT  A 1 5  ? 2.647  11.614  -2.306  1.00 60.16  ? 5   DT  A N1    1 
ATOM   97  C C2    . DT  A 1 5  ? 2.802  11.879  -0.959  1.00 63.92  ? 5   DT  A C2    1 
ATOM   98  O O2    . DT  A 1 5  ? 2.703  12.997  -0.478  1.00 61.15  ? 5   DT  A O2    1 
ATOM   99  N N3    . DT  A 1 5  ? 3.068  10.772  -0.187  1.00 55.81  ? 5   DT  A N3    1 
ATOM   100 C C4    . DT  A 1 5  ? 3.199  9.467   -0.618  1.00 54.48  ? 5   DT  A C4    1 
ATOM   101 O O4    . DT  A 1 5  ? 3.449  8.579   0.192   1.00 57.68  ? 5   DT  A O4    1 
ATOM   102 C C5    . DT  A 1 5  ? 3.029  9.264   -2.042  1.00 56.94  ? 5   DT  A C5    1 
ATOM   103 C C7    . DT  A 1 5  ? 3.148  7.881   -2.599  1.00 51.72  ? 5   DT  A C7    1 
ATOM   104 C C6    . DT  A 1 5  ? 2.772  10.335  -2.803  1.00 51.16  ? 5   DT  A C6    1 
ATOM   105 P P     . DT  A 1 6  ? 3.297  16.133  -5.891  1.00 75.39  ? 6   DT  A P     1 
ATOM   106 O OP1   . DT  A 1 6  ? 4.707  15.675  -6.045  1.00 62.95  ? 6   DT  A OP1   1 
ATOM   107 O OP2   . DT  A 1 6  ? 2.953  17.361  -5.141  1.00 67.49  ? 6   DT  A OP2   1 
ATOM   108 O "O5'" . DT  A 1 6  ? 2.765  16.171  -7.395  1.00 69.80  ? 6   DT  A "O5'" 1 
ATOM   109 C "C5'" . DT  A 1 6  ? 1.485  16.746  -7.735  1.00 61.22  ? 6   DT  A "C5'" 1 
ATOM   110 C "C4'" . DT  A 1 6  ? 0.977  16.089  -8.999  1.00 59.41  ? 6   DT  A "C4'" 1 
ATOM   111 O "O4'" . DT  A 1 6  ? 1.869  16.378  -10.094 1.00 59.57  ? 6   DT  A "O4'" 1 
ATOM   112 C "C3'" . DT  A 1 6  ? 0.844  14.567  -8.950  1.00 58.67  ? 6   DT  A "C3'" 1 
ATOM   113 O "O3'" . DT  A 1 6  ? -0.379 14.221  -9.585  1.00 62.74  ? 6   DT  A "O3'" 1 
ATOM   114 C "C2'" . DT  A 1 6  ? 1.924  14.041  -9.878  1.00 55.57  ? 6   DT  A "C2'" 1 
ATOM   115 C "C1'" . DT  A 1 6  ? 2.238  15.211  -10.813 1.00 54.75  ? 6   DT  A "C1'" 1 
ATOM   116 N N1    . DT  A 1 6  ? 3.682  15.323  -11.097 1.00 55.34  ? 6   DT  A N1    1 
ATOM   117 C C2    . DT  A 1 6  ? 4.209  14.934  -12.313 1.00 54.70  ? 6   DT  A C2    1 
ATOM   118 O O2    . DT  A 1 6  ? 3.535  14.472  -13.221 1.00 58.24  ? 6   DT  A O2    1 
ATOM   119 N N3    . DT  A 1 6  ? 5.572  15.075  -12.414 1.00 58.07  ? 6   DT  A N3    1 
ATOM   120 C C4    . DT  A 1 6  ? 6.436  15.571  -11.452 1.00 62.53  ? 6   DT  A C4    1 
ATOM   121 O O4    . DT  A 1 6  ? 7.635  15.663  -11.696 1.00 81.81  ? 6   DT  A O4    1 
ATOM   122 C C5    . DT  A 1 6  ? 5.813  15.979  -10.214 1.00 65.88  ? 6   DT  A C5    1 
ATOM   123 C C7    . DT  A 1 6  ? 6.665  16.543  -9.120  1.00 60.79  ? 6   DT  A C7    1 
ATOM   124 C C6    . DT  A 1 6  ? 4.486  15.834  -10.101 1.00 56.87  ? 6   DT  A C6    1 
ATOM   125 P P     . DA  A 1 7  ? -1.702 14.088  -8.738  1.00 66.84  ? 7   DA  A P     1 
ATOM   126 O OP1   . DA  A 1 7  ? -2.814 13.927  -9.692  1.00 60.93  ? 7   DA  A OP1   1 
ATOM   127 O OP2   . DA  A 1 7  ? -1.728 15.163  -7.718  1.00 60.33  ? 7   DA  A OP2   1 
ATOM   128 O "O5'" . DA  A 1 7  ? -1.448 12.711  -7.974  1.00 57.72  ? 7   DA  A "O5'" 1 
ATOM   129 C "C5'" . DA  A 1 7  ? -1.348 11.466  -8.698  1.00 49.37  ? 7   DA  A "C5'" 1 
ATOM   130 C "C4'" . DA  A 1 7  ? -2.244 10.490  -7.979  1.00 55.66  ? 7   DA  A "C4'" 1 
ATOM   131 O "O4'" . DA  A 1 7  ? -1.681 10.245  -6.669  1.00 54.08  ? 7   DA  A "O4'" 1 
ATOM   132 C "C3'" . DA  A 1 7  ? -3.657 11.037  -7.738  1.00 53.39  ? 7   DA  A "C3'" 1 
ATOM   133 O "O3'" . DA  A 1 7  ? -4.599 10.039  -8.113  1.00 62.95  ? 7   DA  A "O3'" 1 
ATOM   134 C "C2'" . DA  A 1 7  ? -3.705 11.330  -6.250  1.00 52.69  ? 7   DA  A "C2'" 1 
ATOM   135 C "C1'" . DA  A 1 7  ? -2.722 10.317  -5.726  1.00 56.74  ? 7   DA  A "C1'" 1 
ATOM   136 N N9    . DA  A 1 7  ? -2.133 10.604  -4.431  1.00 56.65  ? 7   DA  A N9    1 
ATOM   137 C C8    . DA  A 1 7  ? -1.930 11.792  -3.771  1.00 53.52  ? 7   DA  A C8    1 
ATOM   138 N N7    . DA  A 1 7  ? -1.429 11.647  -2.569  1.00 54.40  ? 7   DA  A N7    1 
ATOM   139 C C5    . DA  A 1 7  ? -1.283 10.269  -2.433  1.00 55.23  ? 7   DA  A C5    1 
ATOM   140 C C6    . DA  A 1 7  ? -0.793 9.465   -1.387  1.00 54.56  ? 7   DA  A C6    1 
ATOM   141 N N6    . DA  A 1 7  ? -0.340 9.954   -0.234  1.00 45.48  ? 7   DA  A N6    1 
ATOM   142 N N1    . DA  A 1 7  ? -0.805 8.122   -1.563  1.00 46.02  ? 7   DA  A N1    1 
ATOM   143 C C2    . DA  A 1 7  ? -1.297 7.629   -2.710  1.00 44.68  ? 7   DA  A C2    1 
ATOM   144 N N3    . DA  A 1 7  ? -1.771 8.284   -3.770  1.00 53.94  ? 7   DA  A N3    1 
ATOM   145 C C4    . DA  A 1 7  ? -1.723 9.617   -3.568  1.00 55.08  ? 7   DA  A C4    1 
ATOM   146 P P     . DG  A 1 8  ? -6.151 10.276  -7.946  1.00 61.55  ? 8   DG  A P     1 
ATOM   147 O OP1   . DG  A 1 8  ? -6.826 9.442   -8.944  1.00 61.85  ? 8   DG  A OP1   1 
ATOM   148 O OP2   . DG  A 1 8  ? -6.430 11.738  -7.795  1.00 58.72  ? 8   DG  A OP2   1 
ATOM   149 O "O5'" . DG  A 1 8  ? -6.442 9.772   -6.471  1.00 63.47  ? 8   DG  A "O5'" 1 
ATOM   150 C "C5'" . DG  A 1 8  ? -6.830 8.437   -6.196  1.00 54.61  ? 8   DG  A "C5'" 1 
ATOM   151 C "C4'" . DG  A 1 8  ? -7.117 8.342   -4.721  1.00 44.89  ? 8   DG  A "C4'" 1 
ATOM   152 O "O4'" . DG  A 1 8  ? -7.324 6.955   -4.368  1.00 46.28  ? 8   DG  A "O4'" 1 
ATOM   153 C "C3'" . DG  A 1 8  ? -5.975 8.836   -3.844  1.00 41.80  ? 8   DG  A "C3'" 1 
ATOM   154 O "O3'" . DG  A 1 8  ? -6.662 9.470   -2.769  1.00 49.38  ? 8   DG  A "O3'" 1 
ATOM   155 C "C2'" . DG  A 1 8  ? -5.299 7.553   -3.383  1.00 44.19  ? 8   DG  A "C2'" 1 
ATOM   156 C "C1'" . DG  A 1 8  ? -6.507 6.615   -3.264  1.00 37.24  ? 8   DG  A "C1'" 1 
ATOM   157 N N9    . DG  A 1 8  ? -6.202 5.193   -3.382  1.00 37.78  ? 8   DG  A N9    1 
ATOM   158 C C8    . DG  A 1 8  ? -5.896 4.489   -4.532  1.00 33.46  ? 8   DG  A C8    1 
ATOM   159 N N7    . DG  A 1 8  ? -5.709 3.212   -4.317  1.00 36.39  ? 8   DG  A N7    1 
ATOM   160 C C5    . DG  A 1 8  ? -5.920 3.065   -2.950  1.00 31.56  ? 8   DG  A C5    1 
ATOM   161 C C6    . DG  A 1 8  ? -5.875 1.916   -2.147  1.00 32.21  ? 8   DG  A C6    1 
ATOM   162 O O6    . DG  A 1 8  ? -5.670 0.740   -2.498  1.00 32.39  ? 8   DG  A O6    1 
ATOM   163 N N1    . DG  A 1 8  ? -6.194 2.204   -0.822  1.00 32.94  ? 8   DG  A N1    1 
ATOM   164 C C2    . DG  A 1 8  ? -6.485 3.462   -0.327  1.00 33.63  ? 8   DG  A C2    1 
ATOM   165 N N2    . DG  A 1 8  ? -6.749 3.550   0.984   1.00 31.72  ? 8   DG  A N2    1 
ATOM   166 N N3    . DG  A 1 8  ? -6.555 4.539   -1.074  1.00 33.57  ? 8   DG  A N3    1 
ATOM   167 C C4    . DG  A 1 8  ? -6.220 4.281   -2.361  1.00 31.10  ? 8   DG  A C4    1 
ATOM   168 P P     . DG  A 1 9  ? -5.852 10.304  -1.697  1.00 55.90  ? 9   DG  A P     1 
ATOM   169 O OP1   . DG  A 1 9  ? -6.814 10.991  -0.784  1.00 55.73  ? 9   DG  A OP1   1 
ATOM   170 O OP2   . DG  A 1 9  ? -4.749 11.029  -2.404  1.00 54.47  ? 9   DG  A OP2   1 
ATOM   171 O "O5'" . DG  A 1 9  ? -5.267 9.178   -0.760  1.00 51.11  ? 9   DG  A "O5'" 1 
ATOM   172 C "C5'" . DG  A 1 9  ? -4.159 9.478   0.052   1.00 49.01  ? 9   DG  A "C5'" 1 
ATOM   173 C "C4'" . DG  A 1 9  ? -4.442 8.931   1.423   1.00 50.56  ? 9   DG  A "C4'" 1 
ATOM   174 O "O4'" . DG  A 1 9  ? -4.842 7.531   1.328   1.00 49.32  ? 9   DG  A "O4'" 1 
ATOM   175 C "C3'" . DG  A 1 9  ? -3.203 8.972   2.303   1.00 49.85  ? 9   DG  A "C3'" 1 
ATOM   176 O "O3'" . DG  A 1 9  ? -3.670 9.212   3.613   1.00 55.29  ? 9   DG  A "O3'" 1 
ATOM   177 C "C2'" . DG  A 1 9  ? -2.644 7.554   2.220   1.00 47.63  ? 9   DG  A "C2'" 1 
ATOM   178 C "C1'" . DG  A 1 9  ? -3.886 6.677   1.988   1.00 44.85  ? 9   DG  A "C1'" 1 
ATOM   179 N N9    . DG  A 1 9  ? -3.605 5.544   1.093   1.00 39.86  ? 9   DG  A N9    1 
ATOM   180 C C8    . DG  A 1 9  ? -3.373 5.635   -0.255  1.00 36.68  ? 9   DG  A C8    1 
ATOM   181 N N7    . DG  A 1 9  ? -3.073 4.494   -0.803  1.00 36.03  ? 9   DG  A N7    1 
ATOM   182 C C5    . DG  A 1 9  ? -3.150 3.585   0.241   1.00 34.50  ? 9   DG  A C5    1 
ATOM   183 C C6    . DG  A 1 9  ? -2.977 2.176   0.245   1.00 38.80  ? 9   DG  A C6    1 
ATOM   184 O O6    . DG  A 1 9  ? -2.724 1.423   -0.715  1.00 35.87  ? 9   DG  A O6    1 
ATOM   185 N N1    . DG  A 1 9  ? -3.091 1.652   1.528   1.00 34.26  ? 9   DG  A N1    1 
ATOM   186 C C2    . DG  A 1 9  ? -3.379 2.385   2.657   1.00 33.50  ? 9   DG  A C2    1 
ATOM   187 N N2    . DG  A 1 9  ? -3.484 1.696   3.803   1.00 35.13  ? 9   DG  A N2    1 
ATOM   188 N N3    . DG  A 1 9  ? -3.551 3.690   2.661   1.00 35.49  ? 9   DG  A N3    1 
ATOM   189 C C4    . DG  A 1 9  ? -3.424 4.224   1.428   1.00 37.99  ? 9   DG  A C4    1 
ATOM   190 P P     . DG  A 1 10 ? -2.637 9.668   4.758   1.00 61.63  ? 10  DG  A P     1 
ATOM   191 O OP1   . DG  A 1 10 ? -3.433 10.340  5.810   1.00 69.82  ? 10  DG  A OP1   1 
ATOM   192 O OP2   . DG  A 1 10 ? -1.483 10.330  4.099   1.00 54.46  ? 10  DG  A OP2   1 
ATOM   193 O "O5'" . DG  A 1 10 ? -2.101 8.281   5.321   1.00 65.27  ? 10  DG  A "O5'" 1 
ATOM   194 C "C5'" . DG  A 1 10 ? -2.890 7.439   6.178   1.00 55.02  ? 10  DG  A "C5'" 1 
ATOM   195 C "C4'" . DG  A 1 10 ? -1.979 6.337   6.661   1.00 54.00  ? 10  DG  A "C4'" 1 
ATOM   196 O "O4'" . DG  A 1 10 ? -1.824 5.346   5.613   1.00 47.52  ? 10  DG  A "O4'" 1 
ATOM   197 C "C3'" . DG  A 1 10 ? -0.559 6.795   7.023   1.00 47.62  ? 10  DG  A "C3'" 1 
ATOM   198 O "O3'" . DG  A 1 10 ? -0.226 6.119   8.238   1.00 68.10  ? 10  DG  A "O3'" 1 
ATOM   199 C "C2'" . DG  A 1 10 ? 0.313  6.220   5.914   1.00 47.09  ? 10  DG  A "C2'" 1 
ATOM   200 C "C1'" . DG  A 1 10 ? -0.461 4.966   5.558   1.00 44.40  ? 10  DG  A "C1'" 1 
ATOM   201 N N9    . DG  A 1 10 ? -0.227 4.406   4.235   1.00 40.49  ? 10  DG  A N9    1 
ATOM   202 C C8    . DG  A 1 10 ? -0.203 5.070   3.034   1.00 38.78  ? 10  DG  A C8    1 
ATOM   203 N N7    . DG  A 1 10 ? -0.056 4.271   2.013   1.00 38.50  ? 10  DG  A N7    1 
ATOM   204 C C5    . DG  A 1 10 ? -0.011 2.998   2.576   1.00 37.05  ? 10  DG  A C5    1 
ATOM   205 C C6    . DG  A 1 10 ? 0.148  1.721   1.961   1.00 39.38  ? 10  DG  A C6    1 
ATOM   206 O O6    . DG  A 1 10 ? 0.243  1.459   0.758   1.00 34.32  ? 10  DG  A O6    1 
ATOM   207 N N1    . DG  A 1 10 ? 0.154  0.692   2.904   1.00 35.56  ? 10  DG  A N1    1 
ATOM   208 C C2    . DG  A 1 10 ? 0.046  0.875   4.271   1.00 36.68  ? 10  DG  A C2    1 
ATOM   209 N N2    . DG  A 1 10 ? 0.083  -0.222  5.031   1.00 37.16  ? 10  DG  A N2    1 
ATOM   210 N N3    . DG  A 1 10 ? -0.110 2.053   4.846   1.00 35.31  ? 10  DG  A N3    1 
ATOM   211 C C4    . DG  A 1 10 ? -0.142 3.064   3.943   1.00 37.40  ? 10  DG  A C4    1 
ATOM   212 P P     . DT  A 1 11 ? 0.637  6.842   9.383   1.00 81.66  ? 11  DT  A P     1 
ATOM   213 O OP1   . DT  A 1 11 ? -0.194 7.950   9.952   1.00 80.72  ? 11  DT  A OP1   1 
ATOM   214 O OP2   . DT  A 1 11 ? 1.998  7.140   8.811   1.00 75.63  ? 11  DT  A OP2   1 
ATOM   215 O "O5'" . DT  A 1 11 ? 0.823  5.690   10.477  1.00 87.55  ? 11  DT  A "O5'" 1 
ATOM   216 C "C5'" . DT  A 1 11 ? -0.072 5.536   11.606  1.00 108.46 ? 11  DT  A "C5'" 1 
ATOM   217 C "C4'" . DT  A 1 11 ? 0.318  4.350   12.465  1.00 120.62 ? 11  DT  A "C4'" 1 
ATOM   218 O "O4'" . DT  A 1 11 ? 0.616  3.181   11.658  1.00 117.57 ? 11  DT  A "O4'" 1 
ATOM   219 C "C3'" . DT  A 1 11 ? 1.533  4.586   13.366  1.00 127.88 ? 11  DT  A "C3'" 1 
ATOM   220 O "O3'" . DT  A 1 11 ? 1.194  4.346   14.744  1.00 143.15 ? 11  DT  A "O3'" 1 
ATOM   221 C "C2'" . DT  A 1 11 ? 2.601  3.653   12.812  1.00 129.79 ? 11  DT  A "C2'" 1 
ATOM   222 C "C1'" . DT  A 1 11 ? 1.800  2.557   12.128  1.00 126.12 ? 11  DT  A "C1'" 1 
ATOM   223 N N1    . DT  A 1 11 ? 2.046  1.630   10.883  0.00 155.76 ? 11  DT  A N1    1 
ATOM   224 C C2    . DT  A 1 11 ? 2.433  0.323   11.066  0.00 153.45 ? 11  DT  A C2    1 
ATOM   225 O O2    . DT  A 1 11 ? 2.428  -0.228  12.155  0.00 155.12 ? 11  DT  A O2    1 
ATOM   226 N N3    . DT  A 1 11 ? 2.829  -0.322  9.920   0.00 152.28 ? 11  DT  A N3    1 
ATOM   227 C C4    . DT  A 1 11 ? 2.875  0.200   8.641   0.00 152.35 ? 11  DT  A C4    1 
ATOM   228 O O4    . DT  A 1 11 ? 3.254  -0.502  7.707   0.00 143.42 ? 11  DT  A O4    1 
ATOM   229 C C5    . DT  A 1 11 ? 2.454  1.577   8.523   0.00 151.15 ? 11  DT  A C5    1 
ATOM   230 C C7    . DT  A 1 11 ? 2.471  2.228   7.176   0.00 152.21 ? 11  DT  A C7    1 
ATOM   231 C C6    . DT  A 1 11 ? 2.067  2.214   9.635   0.00 154.02 ? 11  DT  A C6    1 
ATOM   232 P P     . DT  A 1 12 ? 0.497  5.503   15.664  1.00 141.80 ? 12  DT  A P     1 
ATOM   233 O OP1   . DT  A 1 12 ? 1.280  5.619   16.919  1.00 140.66 ? 12  DT  A OP1   1 
ATOM   234 O OP2   . DT  A 1 12 ? -0.954 5.204   15.750  1.00 160.97 ? 12  DT  A OP2   1 
ATOM   235 O "O5'" . DT  A 1 12 ? 0.679  6.843   14.814  1.00 144.37 ? 12  DT  A "O5'" 1 
ATOM   236 C "C5'" . DT  A 1 12 ? 0.570  8.150   15.422  1.00 142.02 ? 12  DT  A "C5'" 1 
ATOM   237 C "C4'" . DT  A 1 12 ? -0.666 8.886   14.951  1.00 148.09 ? 12  DT  A "C4'" 1 
ATOM   238 O "O4'" . DT  A 1 12 ? -0.287 10.213  14.508  1.00 135.40 ? 12  DT  A "O4'" 1 
ATOM   239 C "C3'" . DT  A 1 12 ? -1.454 8.243   13.798  1.00 150.37 ? 12  DT  A "C3'" 1 
ATOM   240 O "O3'" . DT  A 1 12 ? -2.833 8.019   14.162  1.00 160.94 ? 12  DT  A "O3'" 1 
ATOM   241 C "C2'" . DT  A 1 12 ? -1.328 9.244   12.658  1.00 137.59 ? 12  DT  A "C2'" 1 
ATOM   242 C "C1'" . DT  A 1 12 ? -1.036 10.558  13.360  1.00 136.61 ? 12  DT  A "C1'" 1 
ATOM   243 N N1    . DT  A 1 12 ? -0.261 11.451  12.888  0.00 173.17 ? 12  DT  A N1    1 
ATOM   244 C C2    . DT  A 1 12 ? 1.001  11.094  12.471  0.00 170.00 ? 12  DT  A C2    1 
ATOM   245 O O2    . DT  A 1 12 ? 1.477  9.988   12.665  0.00 157.64 ? 12  DT  A O2    1 
ATOM   246 N N3    . DT  A 1 12 ? 1.688  12.084  11.814  0.00 183.71 ? 12  DT  A N3    1 
ATOM   247 C C4    . DT  A 1 12 ? 1.249  13.366  11.540  0.00 198.77 ? 12  DT  A C4    1 
ATOM   248 O O4    . DT  A 1 12 ? 1.980  14.149  10.939  0.00 204.72 ? 12  DT  A O4    1 
ATOM   249 C C5    . DT  A 1 12 ? -0.084 13.673  12.008  0.00 195.04 ? 12  DT  A C5    1 
ATOM   250 C C7    . DT  A 1 12 ? -0.646 15.037  11.757  0.00 186.85 ? 12  DT  A C7    1 
ATOM   251 C C6    . DT  A 1 12 ? -0.762 12.713  12.649  0.00 183.83 ? 12  DT  A C6    1 
ATOM   252 P P     . DA  A 1 13 ? -3.618 6.617   13.820  1.00 155.40 ? 13  DA  A P     1 
ATOM   253 O OP1   . DA  A 1 13 ? -4.555 6.324   14.934  1.00 163.54 ? 13  DA  A OP1   1 
ATOM   254 O OP2   . DA  A 1 13 ? -2.638 5.578   13.413  1.00 150.13 ? 13  DA  A OP2   1 
ATOM   255 O "O5'" . DA  A 1 13 ? -4.515 7.001   12.559  1.00 149.78 ? 13  DA  A "O5'" 1 
ATOM   256 C "C5'" . DA  A 1 13 ? -3.919 7.235   11.269  1.00 124.54 ? 13  DA  A "C5'" 1 
ATOM   257 C "C4'" . DA  A 1 13 ? -4.265 6.126   10.304  1.00 114.66 ? 13  DA  A "C4'" 1 
ATOM   258 O "O4'" . DA  A 1 13 ? -3.287 5.061   10.316  1.00 112.01 ? 13  DA  A "O4'" 1 
ATOM   259 C "C3'" . DA  A 1 13 ? -5.626 5.439   10.487  1.00 113.07 ? 13  DA  A "C3'" 1 
ATOM   260 O "O3'" . DA  A 1 13 ? -6.151 5.489   9.157   1.00 111.81 ? 13  DA  A "O3'" 1 
ATOM   261 C "C2'" . DA  A 1 13 ? -5.262 4.002   10.840  1.00 104.98 ? 13  DA  A "C2'" 1 
ATOM   262 C "C1'" . DA  A 1 13 ? -4.010 3.881   10.009  1.00 111.62 ? 13  DA  A "C1'" 1 
ATOM   263 N N9    . DA  A 1 13 ? -3.119 2.730   10.170  1.00 112.94 ? 13  DA  A N9    1 
ATOM   264 C C8    . DA  A 1 13 ? -2.550 2.205   11.305  1.00 111.10 ? 13  DA  A C8    1 
ATOM   265 N N7    . DA  A 1 13 ? -1.745 1.195   11.073  1.00 107.73 ? 13  DA  A N7    1 
ATOM   266 C C5    . DA  A 1 13 ? -1.786 1.044   9.693   1.00 110.91 ? 13  DA  A C5    1 
ATOM   267 C C6    . DA  A 1 13 ? -1.145 0.143   8.813   1.00 109.33 ? 13  DA  A C6    1 
ATOM   268 N N6    . DA  A 1 13 ? -0.307 -0.818  9.210   1.00 77.66  ? 13  DA  A N6    1 
ATOM   269 N N1    . DA  A 1 13 ? -1.396 0.273   7.491   1.00 101.52 ? 13  DA  A N1    1 
ATOM   270 C C2    . DA  A 1 13 ? -2.230 1.242   7.088   1.00 97.60  ? 13  DA  A C2    1 
ATOM   271 N N3    . DA  A 1 13 ? -2.875 2.155   7.811   1.00 97.23  ? 13  DA  A N3    1 
ATOM   272 C C4    . DA  A 1 13 ? -2.621 1.989   9.123   1.00 109.04 ? 13  DA  A C4    1 
ATOM   273 P P     . DG  A 1 14 ? -7.627 5.015   8.835   1.00 111.45 ? 14  DG  A P     1 
ATOM   274 O OP1   . DG  A 1 14 ? -8.154 5.874   7.735   1.00 110.38 ? 14  DG  A OP1   1 
ATOM   275 O OP2   . DG  A 1 14 ? -8.377 4.876   10.138  1.00 89.57  ? 14  DG  A OP2   1 
ATOM   276 O "O5'" . DG  A 1 14 ? -7.404 3.618   8.102   1.00 78.29  ? 14  DG  A "O5'" 1 
ATOM   277 C "C5'" . DG  A 1 14 ? -8.526 2.759   7.967   1.00 54.20  ? 14  DG  A "C5'" 1 
ATOM   278 C "C4'" . DG  A 1 14 ? -8.101 1.312   7.944   1.00 52.66  ? 14  DG  A "C4'" 1 
ATOM   279 O "O4'" . DG  A 1 14 ? -8.194 0.784   6.597   1.00 48.86  ? 14  DG  A "O4'" 1 
ATOM   280 C "C3'" . DG  A 1 14 ? -6.707 0.965   8.455   1.00 50.51  ? 14  DG  A "C3'" 1 
ATOM   281 O "O3'" . DG  A 1 14 ? -6.935 -0.296  9.092   1.00 58.76  ? 14  DG  A "O3'" 1 
ATOM   282 C "C2'" . DG  A 1 14 ? -5.915 0.679   7.184   1.00 46.10  ? 14  DG  A "C2'" 1 
ATOM   283 C "C1'" . DG  A 1 14 ? -6.993 0.118   6.261   1.00 42.65  ? 14  DG  A "C1'" 1 
ATOM   284 N N9    . DG  A 1 14 ? -6.748 0.368   4.844   1.00 38.46  ? 14  DG  A N9    1 
ATOM   285 C C8    . DG  A 1 14 ? -6.814 1.548   4.144   1.00 34.07  ? 14  DG  A C8    1 
ATOM   286 N N7    . DG  A 1 14 ? -6.594 1.394   2.863   1.00 40.01  ? 14  DG  A N7    1 
ATOM   287 C C5    . DG  A 1 14 ? -6.415 0.024   2.711   1.00 33.52  ? 14  DG  A C5    1 
ATOM   288 C C6    . DG  A 1 14 ? -6.133 -0.751  1.549   1.00 33.07  ? 14  DG  A C6    1 
ATOM   289 O O6    . DG  A 1 14 ? -5.997 -0.367  0.382   1.00 32.60  ? 14  DG  A O6    1 
ATOM   290 N N1    . DG  A 1 14 ? -6.031 -2.104  1.851   1.00 34.02  ? 14  DG  A N1    1 
ATOM   291 C C2    . DG  A 1 14 ? -6.156 -2.642  3.127   1.00 33.69  ? 14  DG  A C2    1 
ATOM   292 N N2    . DG  A 1 14 ? -6.057 -3.966  3.253   1.00 30.38  ? 14  DG  A N2    1 
ATOM   293 N N3    . DG  A 1 14 ? -6.429 -1.934  4.195   1.00 33.17  ? 14  DG  A N3    1 
ATOM   294 C C4    . DG  A 1 14 ? -6.519 -0.618  3.925   1.00 34.92  ? 14  DG  A C4    1 
ATOM   295 P P     . DG  A 1 15 ? -5.791 -1.040  9.898   1.00 63.48  ? 15  DG  A P     1 
ATOM   296 O OP1   . DG  A 1 15 ? -6.460 -1.798  10.998  1.00 80.92  ? 15  DG  A OP1   1 
ATOM   297 O OP2   . DG  A 1 15 ? -4.703 -0.088  10.157  1.00 55.57  ? 15  DG  A OP2   1 
ATOM   298 O "O5'" . DG  A 1 15 ? -5.114 -2.077  8.892   1.00 56.63  ? 15  DG  A "O5'" 1 
ATOM   299 C "C5'" . DG  A 1 15 ? -5.340 -3.476  9.084   1.00 67.29  ? 15  DG  A "C5'" 1 
ATOM   300 C "C4'" . DG  A 1 15 ? -4.389 -4.338  8.289   1.00 55.29  ? 15  DG  A "C4'" 1 
ATOM   301 O "O4'" . DG  A 1 15 ? -4.373 -3.978  6.895   1.00 55.12  ? 15  DG  A "O4'" 1 
ATOM   302 C "C3'" . DG  A 1 15 ? -2.929 -4.386  8.739   1.00 59.77  ? 15  DG  A "C3'" 1 
ATOM   303 O "O3'" . DG  A 1 15 ? -2.760 -5.814  8.738   1.00 60.17  ? 15  DG  A "O3'" 1 
ATOM   304 C "C2'" . DG  A 1 15 ? -2.155 -3.752  7.580   1.00 52.20  ? 15  DG  A "C2'" 1 
ATOM   305 C "C1'" . DG  A 1 15 ? -3.048 -4.085  6.386   1.00 50.22  ? 15  DG  A "C1'" 1 
ATOM   306 N N9    . DG  A 1 15 ? -2.950 -3.139  5.277   1.00 41.15  ? 15  DG  A N9    1 
ATOM   307 C C8    . DG  A 1 15 ? -3.156 -1.784  5.359   1.00 37.70  ? 15  DG  A C8    1 
ATOM   308 N N7    . DG  A 1 15 ? -3.036 -1.179  4.212   1.00 37.84  ? 15  DG  A N7    1 
ATOM   309 C C5    . DG  A 1 15 ? -2.793 -2.204  3.308   1.00 34.27  ? 15  DG  A C5    1 
ATOM   310 C C6    . DG  A 1 15 ? -2.589 -2.157  1.915   1.00 29.85  ? 15  DG  A C6    1 
ATOM   311 O O6    . DG  A 1 15 ? -2.651 -1.172  1.161   1.00 34.98  ? 15  DG  A O6    1 
ATOM   312 N N1    . DG  A 1 15 ? -2.312 -3.418  1.393   1.00 33.94  ? 15  DG  A N1    1 
ATOM   313 C C2    . DG  A 1 15 ? -2.301 -4.589  2.122   1.00 34.07  ? 15  DG  A C2    1 
ATOM   314 N N2    . DG  A 1 15 ? -2.053 -5.733  1.438   1.00 36.39  ? 15  DG  A N2    1 
ATOM   315 N N3    . DG  A 1 15 ? -2.491 -4.639  3.428   1.00 34.84  ? 15  DG  A N3    1 
ATOM   316 C C4    . DG  A 1 15 ? -2.743 -3.421  3.951   1.00 30.94  ? 15  DG  A C4    1 
ATOM   317 P P     . DG  A 1 16 ? -1.429 -6.480  9.272   1.00 61.00  ? 16  DG  A P     1 
ATOM   318 O OP1   . DG  A 1 16 ? -1.791 -7.783  9.868   1.00 60.47  ? 16  DG  A OP1   1 
ATOM   319 O OP2   . DG  A 1 16 ? -0.644 -5.465  10.009  1.00 56.30  ? 16  DG  A OP2   1 
ATOM   320 O "O5'" . DG  A 1 16 ? -0.593 -6.753  7.943   1.00 54.98  ? 16  DG  A "O5'" 1 
ATOM   321 C "C5'" . DG  A 1 16 ? -0.886 -7.899  7.160   1.00 45.65  ? 16  DG  A "C5'" 1 
ATOM   322 C "C4'" . DG  A 1 16 ? 0.228  -8.035  6.160   1.00 44.89  ? 16  DG  A "C4'" 1 
ATOM   323 O "O4'" . DG  A 1 16 ? 0.058  -7.003  5.161   1.00 40.14  ? 16  DG  A "O4'" 1 
ATOM   324 C "C3'" . DG  A 1 16 ? 1.643  -7.863  6.725   1.00 43.39  ? 16  DG  A "C3'" 1 
ATOM   325 O "O3'" . DG  A 1 16 ? 2.395  -8.896  6.088   1.00 51.71  ? 16  DG  A "O3'" 1 
ATOM   326 C "C2'" . DG  A 1 16 ? 2.143  -6.542  6.146   1.00 39.98  ? 16  DG  A "C2'" 1 
ATOM   327 C "C1'" . DG  A 1 16 ? 1.340  -6.478  4.851   1.00 43.11  ? 16  DG  A "C1'" 1 
ATOM   328 N N9    . DG  A 1 16 ? 1.141  -5.153  4.283   1.00 39.54  ? 16  DG  A N9    1 
ATOM   329 C C8    . DG  A 1 16 ? 0.774  -3.994  4.931   1.00 35.34  ? 16  DG  A C8    1 
ATOM   330 N N7    . DG  A 1 16 ? 0.655  -2.976  4.120   1.00 43.23  ? 16  DG  A N7    1 
ATOM   331 C C5    . DG  A 1 16 ? 0.925  -3.508  2.858   1.00 35.77  ? 16  DG  A C5    1 
ATOM   332 C C6    . DG  A 1 16 ? 0.900  -2.900  1.578   1.00 36.34  ? 16  DG  A C6    1 
ATOM   333 O O6    . DG  A 1 16 ? 0.643  -1.732  1.293   1.00 33.52  ? 16  DG  A O6    1 
ATOM   334 N N1    . DG  A 1 16 ? 1.180  -3.817  0.566   1.00 32.96  ? 16  DG  A N1    1 
ATOM   335 C C2    . DG  A 1 16 ? 1.506  -5.135  0.766   1.00 35.03  ? 16  DG  A C2    1 
ATOM   336 N N2    . DG  A 1 16 ? 1.858  -5.852  -0.325  1.00 32.36  ? 16  DG  A N2    1 
ATOM   337 N N3    . DG  A 1 16 ? 1.499  -5.715  1.946   1.00 37.27  ? 16  DG  A N3    1 
ATOM   338 C C4    . DG  A 1 16 ? 1.190  -4.852  2.941   1.00 34.32  ? 16  DG  A C4    1 
ATOM   339 P P     . DT  A 1 17 ? 3.536  -9.676  6.891   1.00 52.92  ? 17  DT  A P     1 
ATOM   340 O OP1   . DT  A 1 17 ? 2.942  -10.260 8.128   1.00 66.10  ? 17  DT  A OP1   1 
ATOM   341 O OP2   . DT  A 1 17 ? 4.736  -8.836  6.945   1.00 48.70  ? 17  DT  A OP2   1 
ATOM   342 O "O5'" . DT  A 1 17 ? 3.853  -10.868 5.895   1.00 46.79  ? 17  DT  A "O5'" 1 
ATOM   343 C "C5'" . DT  A 1 17 ? 2.948  -11.950 5.702   1.00 52.24  ? 17  DT  A "C5'" 1 
ATOM   344 C "C4'" . DT  A 1 17 ? 3.658  -13.012 4.897   1.00 51.75  ? 17  DT  A "C4'" 1 
ATOM   345 O "O4'" . DT  A 1 17 ? 3.775  -12.550 3.532   1.00 55.85  ? 17  DT  A "O4'" 1 
ATOM   346 C "C3'" . DT  A 1 17 ? 5.082  -13.286 5.375   1.00 56.23  ? 17  DT  A "C3'" 1 
ATOM   347 O "O3'" . DT  A 1 17 ? 5.373  -14.668 5.174   1.00 75.96  ? 17  DT  A "O3'" 1 
ATOM   348 C "C2'" . DT  A 1 17 ? 5.942  -12.474 4.431   1.00 54.61  ? 17  DT  A "C2'" 1 
ATOM   349 C "C1'" . DT  A 1 17 ? 5.137  -12.525 3.141   1.00 57.78  ? 17  DT  A "C1'" 1 
ATOM   350 N N1    . DT  A 1 17 ? 5.342  -11.356 2.259   1.00 57.88  ? 17  DT  A N1    1 
ATOM   351 C C2    . DT  A 1 17 ? 5.935  -11.559 1.030   1.00 60.31  ? 17  DT  A C2    1 
ATOM   352 O O2    . DT  A 1 17 ? 6.272  -12.661 0.625   1.00 56.88  ? 17  DT  A O2    1 
ATOM   353 N N3    . DT  A 1 17 ? 6.105  -10.419 0.281   1.00 50.93  ? 17  DT  A N3    1 
ATOM   354 C C4    . DT  A 1 17 ? 5.774  -9.129  0.645   1.00 49.71  ? 17  DT  A C4    1 
ATOM   355 O O4    . DT  A 1 17 ? 5.992  -8.203  -0.125  1.00 57.09  ? 17  DT  A O4    1 
ATOM   356 C C5    . DT  A 1 17 ? 5.160  -8.991  1.946   1.00 57.46  ? 17  DT  A C5    1 
ATOM   357 C C7    . DT  A 1 17 ? 4.751  -7.628  2.412   1.00 47.41  ? 17  DT  A C7    1 
ATOM   358 C C6    . DT  A 1 17 ? 4.975  -10.097 2.677   1.00 48.28  ? 17  DT  A C6    1 
ATOM   359 P P     . DT  A 1 18 ? 6.191  -15.512 6.285   1.00 69.43  ? 18  DT  A P     1 
ATOM   360 O OP1   . DT  A 1 18 ? 7.254  -14.642 6.846   1.00 56.36  ? 18  DT  A OP1   1 
ATOM   361 O OP2   . DT  A 1 18 ? 6.499  -16.814 5.657   1.00 72.27  ? 18  DT  A OP2   1 
ATOM   362 O "O5'" . DT  A 1 18 ? 5.166  -15.665 7.491   1.00 61.97  ? 18  DT  A "O5'" 1 
ATOM   363 C "C5'" . DT  A 1 18 ? 4.163  -16.699 7.449   1.00 63.40  ? 18  DT  A "C5'" 1 
ATOM   364 C "C4'" . DT  A 1 18 ? 3.083  -16.359 8.448   1.00 57.56  ? 18  DT  A "C4'" 1 
ATOM   365 O "O4'" . DT  A 1 18 ? 3.668  -16.364 9.763   1.00 58.86  ? 18  DT  A "O4'" 1 
ATOM   366 C "C3'" . DT  A 1 18 ? 2.457  -14.972 8.268   1.00 59.03  ? 18  DT  A "C3'" 1 
ATOM   367 O "O3'" . DT  A 1 18 ? 1.047  -15.074 8.449   1.00 63.63  ? 18  DT  A "O3'" 1 
ATOM   368 C "C2'" . DT  A 1 18 ? 2.952  -14.167 9.454   1.00 59.45  ? 18  DT  A "C2'" 1 
ATOM   369 C "C1'" . DT  A 1 18 ? 3.256  -15.227 10.513  1.00 58.56  ? 18  DT  A "C1'" 1 
ATOM   370 N N1    . DT  A 1 18 ? 4.378  -14.861 11.422  1.00 51.95  ? 18  DT  A N1    1 
ATOM   371 C C2    . DT  A 1 18 ? 4.147  -14.385 12.695  1.00 56.27  ? 18  DT  A C2    1 
ATOM   372 O O2    . DT  A 1 18 ? 3.031  -14.254 13.174  1.00 60.35  ? 18  DT  A O2    1 
ATOM   373 N N3    . DT  A 1 18 ? 5.283  -14.069 13.400  1.00 63.43  ? 18  DT  A N3    1 
ATOM   374 C C4    . DT  A 1 18 ? 6.591  -14.156 12.960  1.00 61.74  ? 18  DT  A C4    1 
ATOM   375 O O4    . DT  A 1 18 ? 7.509  -13.839 13.710  1.00 87.61  ? 18  DT  A O4    1 
ATOM   376 C C5    . DT  A 1 18 ? 6.756  -14.635 11.610  1.00 54.70  ? 18  DT  A C5    1 
ATOM   377 C C7    . DT  A 1 18 ? 8.136  -14.769 11.046  1.00 56.93  ? 18  DT  A C7    1 
ATOM   378 C C6    . DT  A 1 18 ? 5.657  -14.950 10.917  1.00 53.29  ? 18  DT  A C6    1 
ATOM   379 P P     . DA  A 1 19 ? 0.070  -15.284 7.196   1.00 63.87  ? 19  DA  A P     1 
ATOM   380 O OP1   . DA  A 1 19 ? -1.289 -15.494 7.743   1.00 55.98  ? 19  DA  A OP1   1 
ATOM   381 O OP2   . DA  A 1 19 ? 0.676  -16.279 6.283   1.00 55.86  ? 19  DA  A OP2   1 
ATOM   382 O "O5'" . DA  A 1 19 ? 0.169  -13.854 6.489   1.00 60.72  ? 19  DA  A "O5'" 1 
ATOM   383 C "C5'" . DA  A 1 19 ? -0.354 -12.662 7.147   1.00 51.11  ? 19  DA  A "C5'" 1 
ATOM   384 C "C4'" . DA  A 1 19 ? -1.190 -11.923 6.132   1.00 55.77  ? 19  DA  A "C4'" 1 
ATOM   385 O "O4'" . DA  A 1 19 ? -0.316 -11.482 5.064   1.00 52.66  ? 19  DA  A "O4'" 1 
ATOM   386 C "C3'" . DA  A 1 19 ? -2.268 -12.796 5.466   1.00 55.43  ? 19  DA  A "C3'" 1 
ATOM   387 O "O3'" . DA  A 1 19 ? -3.494 -12.063 5.392   1.00 64.81  ? 19  DA  A "O3'" 1 
ATOM   388 C "C2'" . DA  A 1 19 ? -1.707 -13.087 4.089   1.00 52.51  ? 19  DA  A "C2'" 1 
ATOM   389 C "C1'" . DA  A 1 19 ? -0.935 -11.815 3.839   1.00 54.17  ? 19  DA  A "C1'" 1 
ATOM   390 N N9    . DA  A 1 19 ? 0.088  -11.841 2.799   1.00 53.79  ? 19  DA  A N9    1 
ATOM   391 C C8    . DA  A 1 19 ? 0.813  -12.882 2.272   1.00 48.52  ? 19  DA  A C8    1 
ATOM   392 N N7    . DA  A 1 19 ? 1.583  -12.533 1.270   1.00 55.81  ? 19  DA  A N7    1 
ATOM   393 C C5    . DA  A 1 19 ? 1.340  -11.171 1.119   1.00 55.04  ? 19  DA  A C5    1 
ATOM   394 C C6    . DA  A 1 19 ? 1.858  -10.202 0.235   1.00 52.31  ? 19  DA  A C6    1 
ATOM   395 N N6    . DA  A 1 19 ? 2.763  -10.466 -0.707  1.00 48.62  ? 19  DA  A N6    1 
ATOM   396 N N1    . DA  A 1 19 ? 1.395  -8.936  0.346   1.00 48.68  ? 19  DA  A N1    1 
ATOM   397 C C2    . DA  A 1 19 ? 0.467  -8.670  1.277   1.00 43.41  ? 19  DA  A C2    1 
ATOM   398 N N3    . DA  A 1 19 ? -0.097 -9.492  2.161   1.00 50.34  ? 19  DA  A N3    1 
ATOM   399 C C4    . DA  A 1 19 ? 0.412  -10.737 2.046   1.00 51.44  ? 19  DA  A C4    1 
ATOM   400 P P     . DG  A 1 20 ? -4.840 -12.731 4.846   1.00 60.17  ? 20  DG  A P     1 
ATOM   401 O OP1   . DG  A 1 20 ? -5.971 -12.136 5.599   1.00 66.21  ? 20  DG  A OP1   1 
ATOM   402 O OP2   . DG  A 1 20 ? -4.667 -14.197 4.753   1.00 60.92  ? 20  DG  A OP2   1 
ATOM   403 O "O5'" . DG  A 1 20 ? -4.839 -12.320 3.317   1.00 56.94  ? 20  DG  A "O5'" 1 
ATOM   404 C "C5'" . DG  A 1 20 ? -5.295 -11.056 2.871   1.00 47.34  ? 20  DG  A "C5'" 1 
ATOM   405 C "C4'" . DG  A 1 20 ? -5.193 -11.089 1.370   1.00 45.43  ? 20  DG  A "C4'" 1 
ATOM   406 O "O4'" . DG  A 1 20 ? -5.698 -9.848  0.828   1.00 47.74  ? 20  DG  A "O4'" 1 
ATOM   407 C "C3'" . DG  A 1 20 ? -3.766 -11.225 0.847   1.00 44.79  ? 20  DG  A "C3'" 1 
ATOM   408 O "O3'" . DG  A 1 20 ? -3.866 -11.928 -0.397  1.00 47.55  ? 20  DG  A "O3'" 1 
ATOM   409 C "C2'" . DG  A 1 20 ? -3.351 -9.772  0.641   1.00 43.55  ? 20  DG  A "C2'" 1 
ATOM   410 C "C1'" . DG  A 1 20 ? -4.669 -9.201  0.101   1.00 41.12  ? 20  DG  A "C1'" 1 
ATOM   411 N N9    . DG  A 1 20 ? -4.859 -7.766  0.265   1.00 37.33  ? 20  DG  A N9    1 
ATOM   412 C C8    . DG  A 1 20 ? -5.133 -7.061  1.418   1.00 36.18  ? 20  DG  A C8    1 
ATOM   413 N N7    . DG  A 1 20 ? -5.257 -5.776  1.216   1.00 38.45  ? 20  DG  A N7    1 
ATOM   414 C C5    . DG  A 1 20 ? -5.082 -5.636  -0.158  1.00 34.24  ? 20  DG  A C5    1 
ATOM   415 C C6    . DG  A 1 20 ? -5.113 -4.483  -0.967  1.00 32.92  ? 20  DG  A C6    1 
ATOM   416 O O6    . DG  A 1 20 ? -5.376 -3.319  -0.633  1.00 31.88  ? 20  DG  A O6    1 
ATOM   417 N N1    . DG  A 1 20 ? -4.943 -4.798  -2.311  1.00 31.30  ? 20  DG  A N1    1 
ATOM   418 C C2    . DG  A 1 20 ? -4.659 -6.060  -2.802  1.00 34.43  ? 20  DG  A C2    1 
ATOM   419 N N2    . DG  A 1 20 ? -4.458 -6.168  -4.116  1.00 32.99  ? 20  DG  A N2    1 
ATOM   420 N N3    . DG  A 1 20 ? -4.638 -7.143  -2.059  1.00 34.33  ? 20  DG  A N3    1 
ATOM   421 C C4    . DG  A 1 20 ? -4.849 -6.861  -0.752  1.00 32.96  ? 20  DG  A C4    1 
ATOM   422 P P     . DG  A 1 21 ? -2.554 -12.468 -1.117  1.00 55.98  ? 21  DG  A P     1 
ATOM   423 O OP1   . DG  A 1 21 ? -2.939 -13.359 -2.232  1.00 62.39  ? 21  DG  A OP1   1 
ATOM   424 O OP2   . DG  A 1 21 ? -1.596 -12.901 -0.070  1.00 59.48  ? 21  DG  A OP2   1 
ATOM   425 O "O5'" . DG  A 1 21 ? -1.973 -11.184 -1.821  1.00 52.89  ? 21  DG  A "O5'" 1 
ATOM   426 C "C5'" . DG  A 1 21 ? -0.667 -11.225 -2.326  1.00 50.13  ? 21  DG  A "C5'" 1 
ATOM   427 C "C4'" . DG  A 1 21 ? -0.689 -10.624 -3.705  1.00 51.26  ? 21  DG  A "C4'" 1 
ATOM   428 O "O4'" . DG  A 1 21 ? -1.472 -9.395  -3.714  1.00 51.62  ? 21  DG  A "O4'" 1 
ATOM   429 C "C3'" . DG  A 1 21 ? 0.712  -10.240 -4.154  1.00 51.59  ? 21  DG  A "C3'" 1 
ATOM   430 O "O3'" . DG  A 1 21 ? 0.755  -10.408 -5.556  1.00 58.74  ? 21  DG  A "O3'" 1 
ATOM   431 C "C2'" . DG  A 1 21 ? 0.794  -8.745  -3.866  1.00 48.55  ? 21  DG  A "C2'" 1 
ATOM   432 C "C1'" . DG  A 1 21 ? -0.643 -8.267  -4.074  1.00 43.18  ? 21  DG  A "C1'" 1 
ATOM   433 N N9    . DG  A 1 21 ? -0.987 -7.144  -3.185  1.00 37.95  ? 21  DG  A N9    1 
ATOM   434 C C8    . DG  A 1 21 ? -1.185 -7.225  -1.830  1.00 35.09  ? 21  DG  A C8    1 
ATOM   435 N N7    . DG  A 1 21 ? -1.468 -6.080  -1.283  1.00 36.09  ? 21  DG  A N7    1 
ATOM   436 C C5    . DG  A 1 21 ? -1.417 -5.176  -2.333  1.00 32.42  ? 21  DG  A C5    1 
ATOM   437 C C6    . DG  A 1 21 ? -1.662 -3.787  -2.350  1.00 34.17  ? 21  DG  A C6    1 
ATOM   438 O O6    . DG  A 1 21 ? -1.974 -3.046  -1.397  1.00 36.87  ? 21  DG  A O6    1 
ATOM   439 N N1    . DG  A 1 21 ? -1.513 -3.255  -3.627  1.00 33.40  ? 21  DG  A N1    1 
ATOM   440 C C2    . DG  A 1 21 ? -1.221 -3.987  -4.759  1.00 34.64  ? 21  DG  A C2    1 
ATOM   441 N N2    . DG  A 1 21 ? -1.136 -3.302  -5.908  1.00 37.18  ? 21  DG  A N2    1 
ATOM   442 N N3    . DG  A 1 21 ? -1.031 -5.289  -4.759  1.00 35.93  ? 21  DG  A N3    1 
ATOM   443 C C4    . DG  A 1 21 ? -1.137 -5.819  -3.518  1.00 37.02  ? 21  DG  A C4    1 
ATOM   444 P P     . DG  A 1 22 ? 2.159  -10.658 -6.258  1.00 60.79  ? 22  DG  A P     1 
ATOM   445 O OP1   . DG  A 1 22 ? 1.883  -11.514 -7.431  1.00 69.67  ? 22  DG  A OP1   1 
ATOM   446 O OP2   . DG  A 1 22 ? 3.155  -11.021 -5.209  1.00 54.59  ? 22  DG  A OP2   1 
ATOM   447 O "O5'" . DG  A 1 22 ? 2.561  -9.212  -6.764  1.00 63.53  ? 22  DG  A "O5'" 1 
ATOM   448 C "C5'" . DG  A 1 22 ? 1.759  -8.517  -7.735  1.00 56.78  ? 22  DG  A "C5'" 1 
ATOM   449 C "C4'" . DG  A 1 22 ? 2.414  -7.179  -7.941  1.00 51.02  ? 22  DG  A "C4'" 1 
ATOM   450 O "O4'" . DG  A 1 22 ? 1.941  -6.282  -6.906  1.00 45.97  ? 22  DG  A "O4'" 1 
ATOM   451 C "C3'" . DG  A 1 22 ? 3.935  -7.239  -7.774  1.00 48.84  ? 22  DG  A "C3'" 1 
ATOM   452 O "O3'" . DG  A 1 22 ? 4.475  -6.397  -8.783  1.00 70.94  ? 22  DG  A "O3'" 1 
ATOM   453 C "C2'" . DG  A 1 22 ? 4.198  -6.529  -6.452  1.00 46.38  ? 22  DG  A "C2'" 1 
ATOM   454 C "C1'" . DG  A 1 22 ? 3.056  -5.549  -6.432  1.00 44.15  ? 22  DG  A "C1'" 1 
ATOM   455 N N9    . DG  A 1 22 ? 2.701  -5.013  -5.130  1.00 41.89  ? 22  DG  A N9    1 
ATOM   456 C C8    . DG  A 1 22 ? 2.526  -5.712  -3.967  1.00 37.40  ? 22  DG  A C8    1 
ATOM   457 N N7    . DG  A 1 22 ? 2.132  -4.962  -2.977  1.00 40.24  ? 22  DG  A N7    1 
ATOM   458 C C5    . DG  A 1 22 ? 2.000  -3.697  -3.535  1.00 36.69  ? 22  DG  A C5    1 
ATOM   459 C C6    . DG  A 1 22 ? 1.606  -2.468  -2.940  1.00 36.80  ? 22  DG  A C6    1 
ATOM   460 O O6    . DG  A 1 22 ? 1.256  -2.262  -1.769  1.00 33.09  ? 22  DG  A O6    1 
ATOM   461 N N1    . DG  A 1 22 ? 1.597  -1.426  -3.871  1.00 32.48  ? 22  DG  A N1    1 
ATOM   462 C C2    . DG  A 1 22 ? 1.924  -1.563  -5.211  1.00 39.77  ? 22  DG  A C2    1 
ATOM   463 N N2    . DG  A 1 22 ? 1.901  -0.457  -5.959  1.00 36.33  ? 22  DG  A N2    1 
ATOM   464 N N3    . DG  A 1 22 ? 2.318  -2.696  -5.758  1.00 38.22  ? 22  DG  A N3    1 
ATOM   465 C C4    . DG  A 1 22 ? 2.320  -3.719  -4.870  1.00 36.21  ? 22  DG  A C4    1 
ATOM   466 P P     . DT  A 1 23 ? 5.804  -6.805  -9.552  1.00 85.36  ? 23  DT  A P     1 
ATOM   467 O OP1   . DT  A 1 23 ? 6.977  -6.303  -8.772  1.00 71.60  ? 23  DT  A OP1   1 
ATOM   468 O OP2   . DT  A 1 23 ? 5.632  -6.420  -10.983 1.00 91.39  ? 23  DT  A OP2   1 
ATOM   469 O "O5'" . DT  A 1 23 ? 5.791  -8.399  -9.481  1.00 100.59 ? 23  DT  A "O5'" 1 
HETATM 470 K K     . K   B 2 .  ? -0.541 -0.582  -0.771  1.00 32.58  ? 101 K   A K     1 
HETATM 471 K K     . K   C 2 .  ? -3.943 -1.101  -1.294  1.00 32.57  ? 102 K   A K     1 
HETATM 472 K K     . K   D 2 .  ? -7.399 -1.564  -1.881  0.50 30.82  ? 103 K   A K     1 
HETATM 473 C C4    A 7VE E 3 .  ? 5.823  -4.228  -3.061  0.50 54.18  ? 104 7VE A C4    1 
HETATM 474 C C3    A 7VE E 3 .  ? 5.347  -3.141  -2.294  0.50 48.70  ? 104 7VE A C3    1 
HETATM 475 C C1    A 7VE E 3 .  ? 5.412  -1.774  -4.323  0.50 46.16  ? 104 7VE A C1    1 
HETATM 476 C C2    A 7VE E 3 .  ? 5.124  -1.902  -2.937  0.50 49.47  ? 104 7VE A C2    1 
HETATM 477 O O1    A 7VE E 3 .  ? 4.843  -4.410  4.225   0.50 50.59  ? 104 7VE A O1    1 
HETATM 478 C C5    A 7VE E 3 .  ? 6.022  -4.102  -4.410  0.50 54.05  ? 104 7VE A C5    1 
HETATM 479 O O2    A 7VE E 3 .  ? 3.915  -2.587  5.342   0.50 48.04  ? 104 7VE A O2    1 
HETATM 480 C C6    A 7VE E 3 .  ? 5.792  -2.890  -5.057  0.50 49.20  ? 104 7VE A C6    1 
HETATM 481 C C7    A 7VE E 3 .  ? 4.610  -0.854  -2.176  0.50 48.22  ? 104 7VE A C7    1 
HETATM 482 N N1    A 7VE E 3 .  ? 4.388  -0.993  -0.868  0.50 55.60  ? 104 7VE A N1    1 
HETATM 483 C C8    A 7VE E 3 .  ? 4.577  -2.199  -0.202  0.50 44.90  ? 104 7VE A C8    1 
HETATM 484 C C9    A 7VE E 3 .  ? 5.050  -3.251  -0.929  0.50 41.21  ? 104 7VE A C9    1 
HETATM 485 C C10   A 7VE E 3 .  ? 4.195  0.248   -0.070  0.50 64.02  ? 104 7VE A C10   1 
HETATM 486 C C11   A 7VE E 3 .  ? 3.267  -0.007  1.094   0.50 55.50  ? 104 7VE A C11   1 
HETATM 487 C C12   A 7VE E 3 .  ? 3.799  -1.146  1.918   0.50 45.18  ? 104 7VE A C12   1 
HETATM 488 C C13   A 7VE E 3 .  ? 4.304  -2.262  1.244   0.50 40.66  ? 104 7VE A C13   1 
HETATM 489 C C14   A 7VE E 3 .  ? 3.688  -1.156  3.313   0.50 42.16  ? 104 7VE A C14   1 
HETATM 490 C C15   A 7VE E 3 .  ? 4.053  -2.303  3.997   0.50 51.85  ? 104 7VE A C15   1 
HETATM 491 C C16   A 7VE E 3 .  ? 4.536  -3.403  3.331   0.50 48.69  ? 104 7VE A C16   1 
HETATM 492 C C17   A 7VE E 3 .  ? 4.662  -3.408  1.963   0.50 45.76  ? 104 7VE A C17   1 
HETATM 493 C C18   A 7VE E 3 .  ? 4.506  -3.887  5.515   0.50 59.04  ? 104 7VE A C18   1 
HETATM 494 O O3    A 7VE E 3 .  ? 5.538  -0.522  -4.888  0.50 46.43  ? 104 7VE A O3    1 
HETATM 495 O O4    A 7VE E 3 .  ? 5.828  -2.743  -6.421  0.50 42.67  ? 104 7VE A O4    1 
HETATM 496 C C19   A 7VE E 3 .  ? 5.978  -1.429  -6.947  0.50 44.56  ? 104 7VE A C19   1 
HETATM 497 C C20   A 7VE E 3 .  ? 5.096  0.702   -4.263  0.50 52.52  ? 104 7VE A C20   1 
HETATM 498 C C21   A 7VE E 3 .  ? 4.667  1.600   -5.425  0.50 45.22  ? 104 7VE A C21   1 
HETATM 499 C C22   A 7VE E 3 .  ? 5.168  3.027   -5.395  0.50 45.96  ? 104 7VE A C22   1 
HETATM 500 N N2    A 7VE E 3 .  ? 4.825  3.744   -4.171  0.50 45.80  ? 104 7VE A N2    1 
HETATM 501 N N3    A 7VE E 3 .  ? 4.812  5.087   -4.116  0.50 41.63  ? 104 7VE A N3    1 
HETATM 502 N N4    A 7VE E 3 .  ? 4.468  5.414   -2.890  0.50 51.04  ? 104 7VE A N4    1 
HETATM 503 C C23   A 7VE E 3 .  ? 4.265  4.281   -2.169  0.50 42.89  ? 104 7VE A C23   1 
HETATM 504 C C24   A 7VE E 3 .  ? 4.500  3.215   -2.983  0.50 50.76  ? 104 7VE A C24   1 
HETATM 505 C C25   A 7VE E 3 .  ? 3.793  4.292   -0.765  0.50 42.86  ? 104 7VE A C25   1 
HETATM 506 O O5    A 7VE E 3 .  ? 3.858  5.420   0.056   0.50 43.80  ? 104 7VE A O5    1 
HETATM 507 C C26   A 7VE E 3 .  ? 3.699  5.012   1.350   0.50 52.54  ? 104 7VE A C26   1 
HETATM 508 C C27   A 7VE E 3 .  ? 3.611  5.594   2.600   0.50 58.40  ? 104 7VE A C27   1 
HETATM 509 C C28   A 7VE E 3 .  ? 3.608  4.796   3.732   0.50 72.33  ? 104 7VE A C28   1 
HETATM 510 C C29   A 7VE E 3 .  ? 3.693  3.416   3.600   0.50 69.77  ? 104 7VE A C29   1 
HETATM 511 C C30   A 7VE E 3 .  ? 3.770  2.831   2.346   0.50 59.27  ? 104 7VE A C30   1 
HETATM 512 C C31   A 7VE E 3 .  ? 3.769  3.633   1.222   0.50 51.03  ? 104 7VE A C31   1 
HETATM 513 S S1    A 7VE E 3 .  ? 3.758  2.389   5.039   0.50 75.76  ? 104 7VE A S1    1 
HETATM 514 O O6    A 7VE E 3 .  ? 3.273  1.101   4.663   0.50 58.73  ? 104 7VE A O6    1 
HETATM 515 O O7    A 7VE E 3 .  ? 5.091  2.472   5.559   0.50 86.99  ? 104 7VE A O7    1 
HETATM 516 N N5    A 7VE E 3 .  ? 2.782  2.988   6.173   0.50 60.78  ? 104 7VE A N5    1 
HETATM 517 C C4    B 7VE F 3 .  ? 4.497  3.966   -4.396  0.50 60.89  ? 105 7VE A C4    1 
HETATM 518 C C3    B 7VE F 3 .  ? 4.405  3.038   -3.341  0.50 61.61  ? 105 7VE A C3    1 
HETATM 519 C C1    B 7VE F 3 .  ? 4.671  1.248   -4.990  0.50 67.08  ? 105 7VE A C1    1 
HETATM 520 C C2    B 7VE F 3 .  ? 4.484  1.661   -3.632  0.50 54.79  ? 105 7VE A C2    1 
HETATM 521 O O1    B 7VE F 3 .  ? 3.273  5.821   2.560   0.50 67.57  ? 105 7VE A O1    1 
HETATM 522 C C5    B 7VE F 3 .  ? 4.658  3.554   -5.679  0.50 65.96  ? 105 7VE A C5    1 
HETATM 523 O O2    B 7VE F 3 .  ? 3.132  4.201   4.222   0.50 80.32  ? 105 7VE A O2    1 
HETATM 524 C C6    B 7VE F 3 .  ? 4.762  2.205   -5.995  0.50 57.26  ? 105 7VE A C6    1 
HETATM 525 C C7    B 7VE F 3 .  ? 4.240  0.760   -2.593  0.50 51.31  ? 105 7VE A C7    1 
HETATM 526 N N1    B 7VE F 3 .  ? 3.910  1.183   -1.370  0.50 52.51  ? 105 7VE A N1    1 
HETATM 527 C C8    B 7VE F 3 .  ? 3.906  2.517   -1.028  0.50 47.34  ? 105 7VE A C8    1 
HETATM 528 C C9    B 7VE F 3 .  ? 4.141  3.424   -2.019  0.50 52.85  ? 105 7VE A C9    1 
HETATM 529 C C10   B 7VE F 3 .  ? 3.267  0.213   -0.439  0.50 44.57  ? 105 7VE A C10   1 
HETATM 530 C C11   B 7VE F 3 .  ? 3.774  0.438   0.968   0.50 62.89  ? 105 7VE A C11   1 
HETATM 531 C C12   B 7VE F 3 .  ? 3.616  1.889   1.359   0.50 54.93  ? 105 7VE A C12   1 
HETATM 532 C C13   B 7VE F 3 .  ? 3.715  2.879   0.368   0.50 51.73  ? 105 7VE A C13   1 
HETATM 533 C C14   B 7VE F 3 .  ? 3.425  2.258   2.692   0.50 61.85  ? 105 7VE A C14   1 
HETATM 534 C C15   B 7VE F 3 .  ? 3.335  3.606   2.995   0.50 71.69  ? 105 7VE A C15   1 
HETATM 535 C C16   B 7VE F 3 .  ? 3.416  4.565   2.015   0.50 65.51  ? 105 7VE A C16   1 
HETATM 536 C C17   B 7VE F 3 .  ? 3.614  4.229   0.704   0.50 57.05  ? 105 7VE A C17   1 
HETATM 537 C C18   B 7VE F 3 .  ? 3.147  5.615   3.971   0.50 80.71  ? 105 7VE A C18   1 
HETATM 538 O O3    B 7VE F 3 .  ? 4.641  -0.111  -5.274  0.50 81.45  ? 105 7VE A O3    1 
HETATM 539 O O4    B 7VE F 3 .  ? 5.034  1.764   -7.258  0.50 65.50  ? 105 7VE A O4    1 
HETATM 540 C C19   B 7VE F 3 .  ? 5.753  2.668   -8.105  0.50 44.53  ? 105 7VE A C19   1 
HETATM 541 C C20   B 7VE F 3 .  ? 5.730  -0.799  -5.925  0.50 75.73  ? 105 7VE A C20   1 
HETATM 542 C C21   B 7VE F 3 .  ? 6.370  -1.760  -4.930  0.50 81.80  ? 105 7VE A C21   1 
HETATM 543 C C22   B 7VE F 3 .  ? 5.882  -3.222  -4.935  0.50 75.91  ? 105 7VE A C22   1 
HETATM 544 N N2    B 7VE F 3 .  ? 5.722  -3.720  -3.567  0.50 75.54  ? 105 7VE A N2    1 
HETATM 545 N N3    B 7VE F 3 .  ? 5.643  -5.031  -3.266  0.50 68.97  ? 105 7VE A N3    1 
HETATM 546 N N4    B 7VE F 3 .  ? 5.435  -5.113  -1.973  0.50 52.32  ? 105 7VE A N4    1 
HETATM 547 C C23   B 7VE F 3 .  ? 5.378  -3.859  -1.457  0.50 58.59  ? 105 7VE A C23   1 
HETATM 548 C C24   B 7VE F 3 .  ? 5.586  -2.973  -2.465  0.50 66.39  ? 105 7VE A C24   1 
HETATM 549 C C25   B 7VE F 3 .  ? 4.965  -3.589  -0.078  0.50 51.42  ? 105 7VE A C25   1 
HETATM 550 O O5    B 7VE F 3 .  ? 5.137  -4.591  0.870   0.50 52.49  ? 105 7VE A O5    1 
HETATM 551 C C26   B 7VE F 3 .  ? 4.741  -4.068  2.076   0.50 61.22  ? 105 7VE A C26   1 
HETATM 552 C C27   B 7VE F 3 .  ? 4.656  -4.561  3.366   0.50 67.99  ? 105 7VE A C27   1 
HETATM 553 C C28   B 7VE F 3 .  ? 4.298  -3.717  4.403   0.50 76.93  ? 105 7VE A C28   1 
HETATM 554 C C29   B 7VE F 3 .  ? 4.037  -2.378  4.141   0.50 79.25  ? 105 7VE A C29   1 
HETATM 555 C C30   B 7VE F 3 .  ? 4.100  -1.885  2.848   0.50 67.82  ? 105 7VE A C30   1 
HETATM 556 C C31   B 7VE F 3 .  ? 4.449  -2.732  1.814   0.50 62.37  ? 105 7VE A C31   1 
HETATM 557 S S1    B 7VE F 3 .  ? 3.702  -1.273  5.481   0.50 77.47  ? 105 7VE A S1    1 
HETATM 558 O O6    B 7VE F 3 .  ? 3.435  0.021   4.917   0.50 81.69  ? 105 7VE A O6    1 
HETATM 559 O O7    B 7VE F 3 .  ? 2.720  -1.891  6.319   0.50 82.55  ? 105 7VE A O7    1 
HETATM 560 N N5    B 7VE F 3 .  ? 5.033  -1.130  6.357   0.50 100.08 ? 105 7VE A N5    1 
HETATM 561 O O     . HOH G 4 .  ? -6.449 13.235  -5.837  1.00 66.42  ? 201 HOH A O     1 
HETATM 562 O O     . HOH G 4 .  ? -4.881 1.146   -9.796  1.00 63.24  ? 202 HOH A O     1 
HETATM 563 O O     . HOH G 4 .  ? -2.598 6.491   -5.383  1.00 42.99  ? 203 HOH A O     1 
HETATM 564 O O     . HOH G 4 .  ? -3.887 3.588   5.943   1.00 57.35  ? 204 HOH A O     1 
HETATM 565 O O     . HOH G 4 .  ? 1.833  13.215  -14.691 1.00 73.26  ? 205 HOH A O     1 
HETATM 566 O O     . HOH G 4 .  ? -1.812 -7.992  3.424   1.00 42.15  ? 206 HOH A O     1 
HETATM 567 O O     . HOH G 4 .  ? 4.051  14.609  9.410   1.00 66.96  ? 207 HOH A O     1 
HETATM 568 O O     . HOH G 4 .  ? -0.628 3.694   9.398   1.00 60.58  ? 208 HOH A O     1 
HETATM 569 O O     . HOH G 4 .  ? 4.256  -2.894  8.254   1.00 69.87  ? 209 HOH A O     1 
HETATM 570 O O     . HOH G 4 .  ? -7.282 6.769   0.614   1.00 50.63  ? 210 HOH A O     1 
HETATM 571 O O     . HOH G 4 .  ? -0.917 13.872  -1.154  1.00 61.18  ? 211 HOH A O     1 
HETATM 572 O O     . HOH G 4 .  ? -1.934 15.017  -4.989  1.00 67.23  ? 212 HOH A O     1 
HETATM 573 O O     . HOH G 4 .  ? 7.519  -6.209  -15.573 1.00 60.97  ? 213 HOH A O     1 
HETATM 574 O O     . HOH G 4 .  ? -4.232 -9.366  -4.021  1.00 54.07  ? 214 HOH A O     1 
HETATM 575 O O     . HOH G 4 .  ? -0.351 -5.256  -8.099  1.00 60.92  ? 215 HOH A O     1 
HETATM 576 O O     . HOH G 4 .  ? 3.144  3.086   -8.811  1.00 61.56  ? 216 HOH A O     1 
HETATM 577 O O     . HOH G 4 .  ? 3.453  -14.610 1.233   1.00 69.20  ? 217 HOH A O     1 
HETATM 578 O O     . HOH G 4 .  ? -4.892 -10.355 -9.178  1.00 70.22  ? 218 HOH A O     1 
HETATM 579 O O     . HOH G 4 .  ? -0.530 12.533  0.884   1.00 62.97  ? 219 HOH A O     1 
HETATM 580 O O     . HOH G 4 .  ? 3.947  -13.036 -1.155  1.00 57.49  ? 220 HOH A O     1 
HETATM 581 O O     . HOH G 4 .  ? -5.681 4.963   4.102   1.00 58.87  ? 221 HOH A O     1 
HETATM 582 O O     . HOH G 4 .  ? -5.353 -9.627  6.864   1.00 68.11  ? 222 HOH A O     1 
HETATM 583 O O     . HOH G 4 .  ? 4.343  -16.434 3.145   1.00 71.29  ? 223 HOH A O     1 
HETATM 584 O O     . HOH G 4 .  ? -2.139 -7.007  -6.838  1.00 61.93  ? 224 HOH A O     1 
HETATM 585 O O     . HOH G 4 .  ? 7.075  -11.669 -2.306  1.00 69.22  ? 225 HOH A O     1 
HETATM 586 O O     . HOH G 4 .  ? 5.626  -11.216 12.380  1.00 67.93  ? 226 HOH A O     1 
HETATM 587 O O     . HOH G 4 .  ? -8.949 12.375  -2.566  1.00 60.28  ? 227 HOH A O     1 
HETATM 588 O O     . HOH G 4 .  ? -3.581 13.370  -0.716  1.00 55.04  ? 228 HOH A O     1 
HETATM 589 O O     . HOH G 4 .  ? -5.006 -7.622  -7.764  1.00 56.08  ? 229 HOH A O     1 
HETATM 590 O O     . HOH G 4 .  ? 2.353  -12.979 -2.853  1.00 75.98  ? 230 HOH A O     1 
HETATM 591 O O     . HOH G 4 .  ? 4.121  -8.667  -3.121  1.00 52.42  ? 231 HOH A O     1 
HETATM 592 O O     . HOH G 4 .  ? 0.707  15.516  0.239   1.00 67.22  ? 232 HOH A O     1 
HETATM 593 O O     . HOH G 4 .  ? 1.118  2.174   -13.739 1.00 78.11  ? 233 HOH A O     1 
HETATM 594 O O     . HOH G 4 .  ? 0.811  -3.236  -8.981  1.00 61.51  ? 234 HOH A O     1 
HETATM 595 O O     . HOH G 4 .  ? -4.005 -8.177  4.788   1.00 65.98  ? 235 HOH A O     1 
HETATM 596 O O     . HOH G 4 .  ? -3.440 12.762  1.491   1.00 75.99  ? 236 HOH A O     1 
HETATM 597 O O     . HOH G 4 .  ? -7.791 14.937  -2.508  1.00 64.24  ? 237 HOH A O     1 
HETATM 598 O O     . HOH G 4 .  ? -2.660 15.760  -0.033  1.00 68.36  ? 238 HOH A O     1 
# 
